data_6NL2
#
_entry.id   6NL2
#
_cell.length_a   73.322
_cell.length_b   95.696
_cell.length_c   181.624
_cell.angle_alpha   90.000
_cell.angle_beta   90.000
_cell.angle_gamma   90.000
#
_symmetry.space_group_name_H-M   'P 2 21 21'
#
loop_
_entity.id
_entity.type
_entity.pdbx_description
1 polymer 'desferrioxamine E biosynthesis protein DesD'
2 non-polymer 'CHLORIDE ION'
3 non-polymer GLYCEROL
4 water water
#
_entity_poly.entity_id   1
_entity_poly.type   'polypeptide(L)'
_entity_poly.pdbx_seq_one_letter_code
;LADAVAHLTPERWEEANRLLVRKALAEFTHERLLTPEREPDDGGGQTYVVRSDDGQTAYRFTATVRALDHWQVDAASVTR
HRDGAELPLAALDFFIELKQTLGLSDEILPVYLEEISSTLSGTCYKLTKPQLSSAELARSGDFQAVETGMTEGHPCFVAN
NGRLGFGIHEYLSYAPETASPVRLVWLAAHRSRAAFTAGVGIEYESFVRDELGAATVDRFHGVLRGRGLDPADYLLIPVH
PWQWWNKLTVTFAAEVARGHLVCLGEGDDEYLAQQSIRTFFNASHPGKHYVKTALSVLNMGFMQGLSAAYMEATPAINDW
LARLIEGDPVLKETGLSIIRERAAVGYRHLEYEQATDRYSPYRKMLAALWRESPVPSIREGETLATMASLVHQDHEGASF
AGALIERSGLTPTEWLRHYLRAYYVPLLHSFYAYDLVYMPHGENVILVLADGVVRRAVYKDIAEEIAVMDPDAVLPPEVS
RIAVDVPDDKKLLSIFTDVFDCFFRFLAANLAEEGIVTEDAFWRTVAEVTREYQESVPELADKFERYDMFAPEFALSCLN
RLQLRDNRQMVDLADPSGALQLVGTLKNPLAGRG
;
_entity_poly.pdbx_strand_id   A,B
#
# COMPACT_ATOMS: atom_id res chain seq x y z
N LEU A 1 20.81 -9.17 1.35
CA LEU A 1 20.05 -8.69 0.23
C LEU A 1 19.82 -9.81 -0.71
N ALA A 2 20.88 -10.41 -1.13
CA ALA A 2 20.81 -11.52 -2.08
C ALA A 2 20.02 -12.67 -1.61
N ASP A 3 20.08 -13.03 -0.33
CA ASP A 3 19.41 -14.21 0.11
C ASP A 3 17.90 -14.08 -0.10
N ALA A 4 17.37 -12.84 0.10
CA ALA A 4 15.92 -12.69 0.05
C ALA A 4 15.35 -12.97 -1.34
N VAL A 5 16.13 -12.79 -2.39
CA VAL A 5 15.68 -12.98 -3.73
C VAL A 5 16.26 -14.25 -4.38
N ALA A 6 16.94 -15.09 -3.59
CA ALA A 6 17.63 -16.22 -4.11
C ALA A 6 16.74 -17.18 -4.86
N HIS A 7 15.49 -17.26 -4.49
CA HIS A 7 14.52 -18.08 -5.17
C HIS A 7 14.17 -17.59 -6.57
N LEU A 8 14.42 -16.35 -6.84
CA LEU A 8 14.10 -15.76 -8.13
C LEU A 8 15.25 -15.92 -9.12
N THR A 9 15.21 -17.01 -9.88
CA THR A 9 16.22 -17.32 -10.85
C THR A 9 15.54 -17.63 -12.18
N PRO A 10 16.29 -17.61 -13.23
CA PRO A 10 15.68 -17.78 -14.55
C PRO A 10 14.97 -19.13 -14.71
N GLU A 11 15.61 -20.19 -14.18
CA GLU A 11 15.05 -21.57 -14.29
C GLU A 11 13.78 -21.71 -13.50
N ARG A 12 13.79 -21.21 -12.26
CA ARG A 12 12.56 -21.31 -11.48
C ARG A 12 11.48 -20.42 -12.08
N TRP A 13 11.85 -19.24 -12.52
CA TRP A 13 10.82 -18.35 -13.12
C TRP A 13 10.23 -19.01 -14.37
N GLU A 14 11.07 -19.64 -15.19
CA GLU A 14 10.59 -20.30 -16.36
C GLU A 14 9.58 -21.36 -15.98
N GLU A 15 9.90 -22.18 -15.01
CA GLU A 15 8.97 -23.23 -14.59
C GLU A 15 7.70 -22.60 -14.02
N ALA A 16 7.82 -21.59 -13.16
CA ALA A 16 6.64 -20.93 -12.58
C ALA A 16 5.74 -20.42 -13.64
N ASN A 17 6.30 -19.82 -14.64
CA ASN A 17 5.53 -19.29 -15.80
C ASN A 17 4.80 -20.37 -16.56
N ARG A 18 5.50 -21.48 -16.79
CA ARG A 18 4.88 -22.55 -17.53
C ARG A 18 3.67 -23.09 -16.70
N LEU A 19 3.85 -23.25 -15.43
CA LEU A 19 2.78 -23.71 -14.59
C LEU A 19 1.59 -22.78 -14.59
N LEU A 20 1.87 -21.48 -14.52
CA LEU A 20 0.76 -20.47 -14.40
C LEU A 20 0.07 -20.36 -15.73
N VAL A 21 0.81 -20.35 -16.83
CA VAL A 21 0.17 -20.24 -18.15
C VAL A 21 -0.67 -21.53 -18.39
N ARG A 22 -0.18 -22.67 -17.97
CA ARG A 22 -0.93 -23.91 -18.09
C ARG A 22 -2.32 -23.78 -17.41
N LYS A 23 -2.26 -23.30 -16.17
CA LYS A 23 -3.47 -23.06 -15.40
C LYS A 23 -4.37 -22.01 -16.01
N ALA A 24 -3.80 -20.94 -16.49
CA ALA A 24 -4.60 -19.89 -17.14
C ALA A 24 -5.33 -20.43 -18.35
N LEU A 25 -4.64 -21.14 -19.20
CA LEU A 25 -5.29 -21.76 -20.31
C LEU A 25 -6.44 -22.69 -19.82
N ALA A 26 -6.16 -23.50 -18.81
CA ALA A 26 -7.13 -24.41 -18.36
C ALA A 26 -8.38 -23.71 -17.81
N GLU A 27 -8.11 -22.80 -16.85
CA GLU A 27 -9.20 -22.25 -16.10
C GLU A 27 -9.93 -21.17 -16.85
N PHE A 28 -9.25 -20.38 -17.62
CA PHE A 28 -9.98 -19.41 -18.40
C PHE A 28 -10.74 -20.05 -19.50
N THR A 29 -10.37 -21.25 -19.95
CA THR A 29 -11.18 -22.01 -20.86
C THR A 29 -12.44 -22.51 -20.15
N HIS A 30 -12.23 -23.05 -18.95
CA HIS A 30 -13.37 -23.57 -18.15
C HIS A 30 -14.44 -22.46 -17.97
N GLU A 31 -13.94 -21.23 -17.75
CA GLU A 31 -14.74 -20.03 -17.54
C GLU A 31 -15.24 -19.39 -18.86
N ARG A 32 -14.88 -20.04 -19.99
CA ARG A 32 -15.35 -19.62 -21.28
C ARG A 32 -14.89 -18.25 -21.69
N LEU A 33 -13.80 -17.81 -21.08
CA LEU A 33 -13.15 -16.59 -21.64
C LEU A 33 -12.39 -16.95 -22.87
N LEU A 34 -11.76 -18.11 -22.82
CA LEU A 34 -11.02 -18.67 -23.98
C LEU A 34 -11.86 -19.78 -24.61
N THR A 35 -11.67 -19.95 -25.92
CA THR A 35 -12.30 -21.02 -26.69
C THR A 35 -11.28 -21.65 -27.60
N PRO A 36 -10.55 -22.61 -27.06
CA PRO A 36 -9.42 -23.20 -27.83
C PRO A 36 -10.00 -23.87 -29.07
N GLU A 37 -9.27 -23.72 -30.18
CA GLU A 37 -9.64 -24.34 -31.47
C GLU A 37 -8.82 -25.60 -31.57
N ARG A 38 -9.49 -26.68 -31.91
CA ARG A 38 -8.85 -27.93 -32.11
C ARG A 38 -8.07 -27.83 -33.44
N GLU A 39 -6.79 -28.14 -33.43
CA GLU A 39 -5.97 -28.28 -34.69
C GLU A 39 -5.96 -29.76 -35.18
N PRO A 40 -5.59 -29.99 -36.50
CA PRO A 40 -5.46 -31.43 -36.92
C PRO A 40 -4.27 -32.19 -36.22
N ASP A 41 -4.29 -33.54 -36.21
CA ASP A 41 -3.16 -34.39 -35.72
C ASP A 41 -2.85 -34.30 -34.19
N ASP A 42 -2.09 -35.29 -33.72
CA ASP A 42 -1.37 -35.26 -32.41
C ASP A 42 -2.32 -35.57 -31.22
N GLY A 43 -2.62 -36.87 -31.13
CA GLY A 43 -3.61 -37.44 -30.22
C GLY A 43 -4.81 -37.77 -31.08
N GLY A 44 -5.98 -37.96 -30.44
CA GLY A 44 -7.27 -38.13 -31.17
C GLY A 44 -7.78 -36.87 -31.92
N GLY A 45 -7.13 -35.71 -31.72
CA GLY A 45 -7.67 -34.37 -32.01
C GLY A 45 -6.81 -33.48 -31.14
N GLN A 46 -6.77 -33.94 -29.87
CA GLN A 46 -5.94 -33.58 -28.68
C GLN A 46 -4.98 -32.36 -28.55
N THR A 47 -4.62 -31.73 -29.67
CA THR A 47 -3.91 -30.39 -29.83
C THR A 47 -4.78 -29.15 -30.12
N TYR A 48 -4.60 -28.09 -29.35
CA TYR A 48 -5.42 -26.91 -29.42
C TYR A 48 -4.61 -25.64 -29.60
N VAL A 49 -5.30 -24.62 -30.01
CA VAL A 49 -4.72 -23.32 -30.10
C VAL A 49 -5.60 -22.25 -29.52
N VAL A 50 -4.97 -21.29 -28.86
CA VAL A 50 -5.61 -20.07 -28.40
C VAL A 50 -4.77 -18.94 -28.97
N ARG A 51 -5.41 -17.99 -29.62
CA ARG A 51 -4.73 -16.79 -30.15
C ARG A 51 -4.93 -15.53 -29.31
N SER A 52 -3.92 -14.68 -29.29
CA SER A 52 -3.98 -13.35 -28.70
C SER A 52 -5.11 -12.47 -29.23
N ASP A 53 -5.47 -11.42 -28.52
CA ASP A 53 -6.48 -10.48 -28.98
C ASP A 53 -6.28 -10.12 -30.42
N ASP A 54 -5.04 -9.82 -30.81
CA ASP A 54 -4.73 -9.32 -32.17
C ASP A 54 -4.46 -10.44 -33.18
N GLY A 55 -4.53 -11.69 -32.72
CA GLY A 55 -4.45 -12.90 -33.58
C GLY A 55 -3.01 -13.40 -33.89
N GLN A 56 -2.01 -12.60 -33.50
CA GLN A 56 -0.64 -12.75 -34.00
C GLN A 56 0.16 -13.64 -33.10
N THR A 57 -0.26 -13.84 -31.87
CA THR A 57 0.41 -14.81 -31.04
C THR A 57 -0.51 -16.02 -30.77
N ALA A 58 0.06 -17.21 -30.91
CA ALA A 58 -0.65 -18.47 -30.79
C ALA A 58 -0.04 -19.27 -29.62
N TYR A 59 -0.91 -19.73 -28.73
CA TYR A 59 -0.60 -20.60 -27.59
C TYR A 59 -1.17 -22.00 -27.96
N ARG A 60 -0.28 -22.94 -28.15
CA ARG A 60 -0.65 -24.31 -28.59
C ARG A 60 -0.35 -25.26 -27.45
N PHE A 61 -1.23 -26.27 -27.31
CA PHE A 61 -1.09 -27.18 -26.20
C PHE A 61 -1.90 -28.44 -26.46
N THR A 62 -1.65 -29.44 -25.65
CA THR A 62 -2.48 -30.59 -25.60
C THR A 62 -3.29 -30.57 -24.31
N ALA A 63 -4.44 -31.19 -24.42
CA ALA A 63 -5.26 -31.32 -23.21
C ALA A 63 -6.18 -32.51 -23.31
N THR A 64 -6.59 -32.98 -22.16
CA THR A 64 -7.68 -33.94 -21.99
C THR A 64 -8.84 -33.17 -21.38
N VAL A 65 -10.02 -33.24 -21.98
CA VAL A 65 -11.17 -32.54 -21.47
C VAL A 65 -12.05 -33.51 -20.67
N ARG A 66 -12.21 -33.25 -19.41
CA ARG A 66 -12.87 -34.11 -18.47
C ARG A 66 -14.15 -33.48 -18.06
N ALA A 67 -14.89 -34.20 -17.24
CA ALA A 67 -16.22 -33.74 -16.84
C ALA A 67 -16.19 -32.38 -16.18
N LEU A 68 -17.36 -31.69 -16.25
CA LEU A 68 -17.50 -30.31 -15.78
C LEU A 68 -16.60 -29.38 -16.61
N ASP A 69 -16.48 -29.69 -17.91
CA ASP A 69 -15.72 -28.86 -18.80
C ASP A 69 -14.36 -28.53 -18.20
N HIS A 70 -13.68 -29.56 -17.76
CA HIS A 70 -12.39 -29.41 -17.12
C HIS A 70 -11.24 -29.70 -18.10
N TRP A 71 -10.44 -28.69 -18.33
CA TRP A 71 -9.42 -28.79 -19.29
C TRP A 71 -8.10 -29.16 -18.61
N GLN A 72 -7.68 -30.39 -18.75
CA GLN A 72 -6.36 -30.76 -18.16
C GLN A 72 -5.31 -30.46 -19.18
N VAL A 73 -4.95 -29.19 -19.25
CA VAL A 73 -3.91 -28.73 -20.15
C VAL A 73 -2.60 -29.31 -19.65
N ASP A 74 -1.84 -29.87 -20.59
CA ASP A 74 -0.55 -30.48 -20.25
CA ASP A 74 -0.55 -30.49 -20.26
C ASP A 74 0.53 -29.41 -20.23
N ALA A 75 1.13 -29.19 -19.06
CA ALA A 75 2.11 -28.09 -18.89
C ALA A 75 3.25 -28.19 -19.86
N ALA A 76 3.75 -29.39 -20.08
CA ALA A 76 4.95 -29.56 -20.95
C ALA A 76 4.61 -29.30 -22.40
N SER A 77 3.37 -29.37 -22.80
CA SER A 77 3.01 -29.18 -24.22
C SER A 77 2.87 -27.70 -24.63
N VAL A 78 2.77 -26.80 -23.65
CA VAL A 78 2.41 -25.47 -23.98
C VAL A 78 3.52 -24.75 -24.72
N THR A 79 3.19 -24.20 -25.85
CA THR A 79 4.17 -23.40 -26.66
C THR A 79 3.51 -22.11 -27.12
N ARG A 80 4.31 -21.13 -27.47
CA ARG A 80 3.82 -19.81 -27.86
C ARG A 80 4.58 -19.45 -29.12
N HIS A 81 3.85 -18.99 -30.13
CA HIS A 81 4.44 -18.71 -31.40
C HIS A 81 3.92 -17.40 -31.94
N ARG A 82 4.75 -16.75 -32.74
CA ARG A 82 4.33 -15.59 -33.45
C ARG A 82 5.27 -15.45 -34.63
N ASP A 83 4.68 -15.20 -35.80
CA ASP A 83 5.45 -14.95 -37.04
C ASP A 83 6.33 -16.12 -37.39
N GLY A 84 5.80 -17.32 -37.30
CA GLY A 84 6.58 -18.50 -37.61
C GLY A 84 7.57 -18.92 -36.52
N ALA A 85 7.76 -18.11 -35.46
CA ALA A 85 8.84 -18.33 -34.47
C ALA A 85 8.25 -18.62 -33.06
N GLU A 86 8.98 -19.41 -32.31
CA GLU A 86 8.64 -19.77 -30.97
C GLU A 86 9.13 -18.71 -30.03
N LEU A 87 8.36 -18.40 -28.98
CA LEU A 87 8.75 -17.43 -27.97
C LEU A 87 8.71 -18.09 -26.60
N PRO A 88 9.33 -17.46 -25.60
CA PRO A 88 9.23 -18.08 -24.33
C PRO A 88 7.84 -17.84 -23.78
N LEU A 89 7.44 -18.75 -22.92
CA LEU A 89 6.20 -18.62 -22.22
C LEU A 89 6.38 -17.66 -21.08
N ALA A 90 5.64 -16.53 -21.14
CA ALA A 90 5.70 -15.49 -20.13
C ALA A 90 4.32 -15.10 -19.73
N ALA A 91 3.99 -15.32 -18.49
CA ALA A 91 2.67 -15.04 -18.01
C ALA A 91 2.30 -13.56 -18.16
N LEU A 92 3.20 -12.65 -17.92
CA LEU A 92 2.87 -11.24 -18.08
C LEU A 92 2.37 -10.93 -19.51
N ASP A 93 3.17 -11.36 -20.49
CA ASP A 93 2.82 -11.20 -21.84
C ASP A 93 1.48 -11.90 -22.23
N PHE A 94 1.23 -13.04 -21.63
CA PHE A 94 -0.05 -13.72 -21.84
C PHE A 94 -1.25 -12.84 -21.50
N PHE A 95 -1.17 -12.21 -20.37
CA PHE A 95 -2.24 -11.30 -19.89
C PHE A 95 -2.37 -10.04 -20.68
N ILE A 96 -1.22 -9.50 -21.13
CA ILE A 96 -1.25 -8.37 -21.98
C ILE A 96 -1.85 -8.71 -23.31
N GLU A 97 -1.38 -9.79 -23.92
CA GLU A 97 -1.87 -10.21 -25.21
C GLU A 97 -3.35 -10.52 -25.24
N LEU A 98 -3.91 -10.97 -24.12
CA LEU A 98 -5.28 -11.45 -24.04
C LEU A 98 -6.13 -10.51 -23.24
N LYS A 99 -5.67 -9.26 -23.05
CA LYS A 99 -6.28 -8.34 -22.14
C LYS A 99 -7.84 -8.14 -22.45
N GLN A 100 -8.14 -7.94 -23.72
CA GLN A 100 -9.50 -7.64 -24.20
C GLN A 100 -10.34 -8.96 -24.09
N THR A 101 -9.77 -10.06 -24.56
CA THR A 101 -10.42 -11.37 -24.41
C THR A 101 -10.79 -11.73 -22.95
N LEU A 102 -9.89 -11.51 -22.00
CA LEU A 102 -10.11 -11.75 -20.67
C LEU A 102 -10.91 -10.74 -19.93
N GLY A 103 -11.17 -9.61 -20.55
CA GLY A 103 -11.91 -8.55 -19.90
C GLY A 103 -11.19 -7.79 -18.80
N LEU A 104 -9.90 -7.65 -18.97
CA LEU A 104 -9.08 -6.91 -18.02
C LEU A 104 -9.14 -5.47 -18.47
N SER A 105 -9.63 -4.58 -17.60
CA SER A 105 -9.73 -3.16 -18.01
C SER A 105 -8.34 -2.54 -17.86
N ASP A 106 -8.28 -1.33 -18.36
CA ASP A 106 -7.08 -0.55 -18.23
C ASP A 106 -6.69 -0.32 -16.82
N GLU A 107 -7.64 -0.12 -15.92
CA GLU A 107 -7.32 0.16 -14.56
C GLU A 107 -6.86 -1.08 -13.81
N ILE A 108 -7.50 -2.21 -14.05
CA ILE A 108 -7.15 -3.40 -13.39
C ILE A 108 -5.86 -4.07 -13.89
N LEU A 109 -5.60 -4.07 -15.18
CA LEU A 109 -4.49 -4.83 -15.78
C LEU A 109 -3.19 -4.71 -15.00
N PRO A 110 -2.72 -3.50 -14.74
CA PRO A 110 -1.44 -3.44 -14.00
C PRO A 110 -1.37 -3.97 -12.62
N VAL A 111 -2.45 -3.88 -11.83
CA VAL A 111 -2.40 -4.39 -10.54
C VAL A 111 -2.56 -5.91 -10.62
N TYR A 112 -3.35 -6.36 -11.58
CA TYR A 112 -3.50 -7.82 -11.80
C TYR A 112 -2.08 -8.40 -12.18
N LEU A 113 -1.36 -7.70 -13.01
CA LEU A 113 0.03 -8.16 -13.34
C LEU A 113 0.93 -8.22 -12.11
N GLU A 114 0.73 -7.33 -11.12
CA GLU A 114 1.43 -7.47 -9.88
C GLU A 114 1.11 -8.66 -9.17
N GLU A 115 -0.21 -8.97 -9.06
CA GLU A 115 -0.65 -10.12 -8.37
C GLU A 115 -0.06 -11.41 -9.05
N ILE A 116 -0.08 -11.40 -10.34
CA ILE A 116 0.56 -12.52 -11.13
C ILE A 116 2.04 -12.61 -10.81
N SER A 117 2.72 -11.48 -10.79
CA SER A 117 4.16 -11.46 -10.51
C SER A 117 4.43 -12.02 -9.14
N SER A 118 3.61 -11.66 -8.17
CA SER A 118 3.73 -12.14 -6.85
C SER A 118 3.44 -13.64 -6.71
N THR A 119 2.37 -14.09 -7.41
CA THR A 119 2.01 -15.51 -7.39
C THR A 119 3.24 -16.32 -8.01
N LEU A 120 3.78 -15.80 -9.08
CA LEU A 120 4.86 -16.48 -9.77
C LEU A 120 6.08 -16.57 -8.78
N SER A 121 6.32 -15.47 -8.10
CA SER A 121 7.42 -15.41 -7.10
C SER A 121 7.24 -16.45 -6.03
N GLY A 122 6.04 -16.62 -5.56
CA GLY A 122 5.68 -17.65 -4.63
C GLY A 122 5.94 -19.04 -5.15
N THR A 123 5.62 -19.28 -6.43
CA THR A 123 5.93 -20.57 -7.04
C THR A 123 7.44 -20.76 -7.01
N CYS A 124 8.23 -19.72 -7.34
CA CYS A 124 9.67 -19.86 -7.30
C CYS A 124 10.16 -20.21 -5.89
N TYR A 125 9.61 -19.57 -4.85
CA TYR A 125 9.99 -19.89 -3.49
C TYR A 125 9.68 -21.36 -3.18
N LYS A 126 8.50 -21.80 -3.57
CA LYS A 126 8.06 -23.15 -3.29
C LYS A 126 8.95 -24.17 -4.03
N LEU A 127 9.44 -23.77 -5.20
CA LEU A 127 10.32 -24.68 -5.96
C LEU A 127 11.65 -24.86 -5.28
N THR A 128 12.01 -23.95 -4.36
CA THR A 128 13.24 -24.07 -3.63
C THR A 128 13.17 -24.95 -2.40
N LYS A 129 11.97 -25.25 -1.96
CA LYS A 129 11.77 -26.10 -0.80
C LYS A 129 12.16 -27.54 -1.10
N PRO A 130 12.50 -28.26 -0.05
CA PRO A 130 12.74 -29.69 -0.35
C PRO A 130 11.50 -30.31 -1.00
N GLN A 131 11.74 -31.08 -2.05
CA GLN A 131 10.62 -31.51 -2.87
C GLN A 131 10.02 -32.84 -2.41
N LEU A 132 9.13 -32.88 -1.44
CA LEU A 132 8.55 -34.07 -0.85
C LEU A 132 7.50 -34.71 -1.72
N SER A 133 7.59 -36.02 -1.91
CA SER A 133 6.54 -36.73 -2.62
C SER A 133 5.23 -36.70 -1.80
N SER A 134 4.13 -36.88 -2.51
CA SER A 134 2.84 -37.05 -1.90
C SER A 134 2.86 -38.27 -0.92
N ALA A 135 3.54 -39.33 -1.30
CA ALA A 135 3.70 -40.48 -0.42
C ALA A 135 4.42 -40.15 0.91
N GLU A 136 5.48 -39.39 0.84
CA GLU A 136 6.19 -39.00 2.08
C GLU A 136 5.32 -38.14 2.94
N LEU A 137 4.63 -37.21 2.29
CA LEU A 137 3.77 -36.27 3.03
C LEU A 137 2.67 -37.01 3.72
N ALA A 138 2.08 -37.97 3.02
CA ALA A 138 1.04 -38.83 3.57
C ALA A 138 1.53 -39.70 4.68
N ARG A 139 2.72 -40.26 4.58
CA ARG A 139 3.28 -41.05 5.64
C ARG A 139 3.69 -40.18 6.86
N SER A 140 3.96 -38.87 6.71
CA SER A 140 4.53 -38.06 7.81
C SER A 140 3.58 -38.04 9.07
N GLY A 141 2.30 -37.98 8.83
CA GLY A 141 1.28 -37.73 9.82
C GLY A 141 1.37 -36.36 10.43
N ASP A 142 2.15 -35.43 9.81
CA ASP A 142 2.44 -34.21 10.34
C ASP A 142 1.46 -33.14 9.78
N PHE A 143 0.53 -32.73 10.62
CA PHE A 143 -0.59 -31.83 10.20
C PHE A 143 0.02 -30.55 9.55
N GLN A 144 1.03 -29.95 10.19
CA GLN A 144 1.61 -28.71 9.72
C GLN A 144 2.58 -28.87 8.53
N ALA A 145 3.19 -30.03 8.39
CA ALA A 145 3.98 -30.34 7.19
C ALA A 145 3.01 -30.36 6.00
N VAL A 146 1.82 -30.93 6.19
CA VAL A 146 0.79 -30.88 5.14
C VAL A 146 0.40 -29.48 4.92
N GLU A 147 0.00 -28.74 5.99
CA GLU A 147 -0.59 -27.41 5.83
C GLU A 147 0.39 -26.46 5.05
N THR A 148 1.66 -26.50 5.40
CA THR A 148 2.64 -25.58 4.84
C THR A 148 3.27 -26.16 3.58
N GLY A 149 2.94 -27.40 3.29
CA GLY A 149 3.44 -28.08 2.09
C GLY A 149 2.52 -27.97 0.89
N MET A 150 1.37 -27.39 1.04
CA MET A 150 0.50 -27.20 -0.09
C MET A 150 1.17 -26.20 -1.01
N THR A 151 0.98 -26.40 -2.26
CA THR A 151 1.64 -25.62 -3.33
C THR A 151 0.70 -24.89 -4.26
N GLU A 152 -0.43 -25.50 -4.52
CA GLU A 152 -1.30 -24.92 -5.54
C GLU A 152 -1.99 -23.62 -5.14
N GLY A 153 -2.46 -23.54 -3.92
CA GLY A 153 -3.43 -22.58 -3.47
C GLY A 153 -4.77 -22.93 -4.18
N HIS A 154 -5.64 -21.93 -4.20
CA HIS A 154 -6.94 -22.17 -4.67
C HIS A 154 -6.86 -22.74 -6.10
N PRO A 155 -7.61 -23.79 -6.37
CA PRO A 155 -7.41 -24.47 -7.64
C PRO A 155 -8.02 -23.82 -8.83
N CYS A 156 -8.96 -22.89 -8.64
CA CYS A 156 -9.55 -22.20 -9.71
C CYS A 156 -8.83 -20.87 -10.04
N PHE A 157 -8.65 -20.06 -9.01
CA PHE A 157 -8.08 -18.74 -9.21
C PHE A 157 -6.65 -18.84 -9.69
N VAL A 158 -6.34 -18.11 -10.79
CA VAL A 158 -5.02 -18.12 -11.39
C VAL A 158 -4.08 -17.16 -10.59
N ALA A 159 -4.56 -15.98 -10.34
CA ALA A 159 -3.81 -14.99 -9.50
C ALA A 159 -4.14 -15.20 -8.05
N ASN A 160 -3.69 -16.32 -7.53
CA ASN A 160 -4.25 -16.78 -6.24
C ASN A 160 -3.32 -16.60 -5.04
N ASN A 161 -2.16 -16.05 -5.23
CA ASN A 161 -1.14 -15.98 -4.14
C ASN A 161 -0.46 -14.56 -4.22
N GLY A 162 -1.21 -13.52 -4.46
CA GLY A 162 -0.65 -12.17 -4.59
C GLY A 162 -0.05 -11.69 -3.27
N ARG A 163 -0.84 -11.78 -2.20
CA ARG A 163 -0.36 -11.19 -0.88
C ARG A 163 0.28 -9.85 -1.06
N LEU A 164 -0.44 -9.01 -1.77
CA LEU A 164 0.13 -7.70 -2.11
C LEU A 164 0.05 -6.91 -0.75
N GLY A 165 1.15 -6.29 -0.44
CA GLY A 165 1.33 -5.53 0.82
C GLY A 165 2.54 -6.13 1.54
N PHE A 166 2.87 -7.37 1.28
CA PHE A 166 4.13 -7.93 1.84
C PHE A 166 5.29 -7.55 0.92
N GLY A 167 6.28 -6.86 1.51
CA GLY A 167 7.55 -6.75 0.85
C GLY A 167 8.19 -8.13 0.84
N ILE A 168 9.30 -8.29 0.12
CA ILE A 168 9.86 -9.64 0.01
C ILE A 168 10.27 -10.17 1.41
N HIS A 169 10.83 -9.36 2.24
CA HIS A 169 11.21 -9.73 3.57
C HIS A 169 9.99 -10.21 4.42
N GLU A 170 8.82 -9.57 4.13
CA GLU A 170 7.64 -9.94 4.83
C GLU A 170 7.06 -11.22 4.28
N TYR A 171 7.14 -11.36 2.96
CA TYR A 171 6.78 -12.63 2.35
C TYR A 171 7.54 -13.79 3.07
N LEU A 172 8.81 -13.61 3.18
CA LEU A 172 9.62 -14.66 3.73
C LEU A 172 9.33 -14.95 5.20
N SER A 173 8.84 -13.96 5.92
CA SER A 173 8.52 -14.12 7.32
C SER A 173 7.08 -14.60 7.58
N TYR A 174 6.18 -14.33 6.66
CA TYR A 174 4.80 -14.45 6.95
C TYR A 174 3.97 -15.36 6.05
N ALA A 175 4.45 -15.65 4.87
CA ALA A 175 3.66 -16.44 3.93
C ALA A 175 3.63 -17.88 4.46
N PRO A 176 2.51 -18.52 4.41
CA PRO A 176 2.38 -19.87 5.00
C PRO A 176 3.30 -20.95 4.44
N GLU A 177 3.58 -20.86 3.15
CA GLU A 177 4.48 -21.83 2.55
C GLU A 177 5.86 -21.69 3.04
N THR A 178 6.25 -20.61 3.75
CA THR A 178 7.59 -20.57 4.30
C THR A 178 7.75 -21.39 5.62
N ALA A 179 6.66 -21.69 6.26
CA ALA A 179 6.61 -22.32 7.55
C ALA A 179 7.44 -21.57 8.61
N SER A 180 7.48 -20.26 8.50
CA SER A 180 8.31 -19.47 9.36
C SER A 180 7.58 -19.27 10.66
N PRO A 181 8.18 -19.49 11.79
CA PRO A 181 7.54 -19.15 13.06
C PRO A 181 7.27 -17.70 13.23
N VAL A 182 6.04 -17.37 13.65
CA VAL A 182 5.64 -15.97 13.89
C VAL A 182 5.26 -15.85 15.35
N ARG A 183 5.70 -14.76 15.96
CA ARG A 183 5.17 -14.39 17.26
C ARG A 183 4.17 -13.25 17.12
N LEU A 184 3.05 -13.38 17.78
CA LEU A 184 2.02 -12.33 17.80
C LEU A 184 2.43 -11.17 18.59
N VAL A 185 1.98 -9.99 18.25
CA VAL A 185 2.19 -8.79 19.06
C VAL A 185 0.92 -8.65 19.91
N TRP A 186 1.05 -8.39 21.18
CA TRP A 186 -0.08 -8.20 22.05
C TRP A 186 -0.27 -6.77 22.37
N LEU A 187 -1.54 -6.31 22.31
CA LEU A 187 -1.89 -4.99 22.70
C LEU A 187 -2.88 -5.05 23.87
N ALA A 188 -2.83 -4.03 24.69
CA ALA A 188 -3.93 -3.75 25.62
C ALA A 188 -4.82 -2.68 24.93
N ALA A 189 -6.08 -2.94 24.85
CA ALA A 189 -7.03 -2.05 24.17
C ALA A 189 -8.08 -1.58 25.14
N HIS A 190 -8.28 -0.27 25.18
CA HIS A 190 -9.13 0.35 26.13
C HIS A 190 -10.62 -0.06 25.90
N ARG A 191 -11.30 -0.38 27.01
CA ARG A 191 -12.66 -0.91 26.95
C ARG A 191 -13.68 0.10 26.42
N SER A 192 -13.36 1.38 26.35
CA SER A 192 -14.29 2.30 25.64
C SER A 192 -14.37 1.96 24.14
N ARG A 193 -13.41 1.29 23.58
CA ARG A 193 -13.35 1.02 22.16
C ARG A 193 -13.30 -0.51 21.82
N ALA A 194 -12.86 -1.37 22.75
CA ALA A 194 -12.67 -2.72 22.49
C ALA A 194 -13.70 -3.53 23.29
N ALA A 195 -14.14 -4.64 22.68
CA ALA A 195 -15.10 -5.52 23.34
C ALA A 195 -14.72 -6.94 23.08
N PHE A 196 -14.78 -7.72 24.17
CA PHE A 196 -14.52 -9.15 24.12
C PHE A 196 -15.83 -9.93 24.19
N THR A 197 -15.99 -10.88 23.29
CA THR A 197 -17.16 -11.70 23.24
C THR A 197 -16.75 -13.15 23.43
N ALA A 198 -17.49 -13.79 24.33
CA ALA A 198 -17.19 -15.16 24.73
C ALA A 198 -18.29 -16.11 24.26
N GLY A 199 -17.85 -17.24 23.79
CA GLY A 199 -18.72 -18.43 23.61
C GLY A 199 -19.08 -19.05 24.88
N VAL A 200 -20.02 -19.97 24.73
CA VAL A 200 -20.55 -20.69 25.94
C VAL A 200 -19.33 -21.38 26.62
N GLY A 201 -19.23 -21.23 27.91
CA GLY A 201 -18.19 -21.84 28.68
C GLY A 201 -16.92 -21.01 28.74
N ILE A 202 -16.90 -19.81 28.11
CA ILE A 202 -15.67 -19.02 28.08
C ILE A 202 -15.84 -17.87 29.03
N GLU A 203 -14.85 -17.55 29.81
CA GLU A 203 -14.85 -16.38 30.60
C GLU A 203 -13.52 -15.65 30.34
N TYR A 204 -13.58 -14.34 30.16
CA TYR A 204 -12.37 -13.61 29.72
C TYR A 204 -11.07 -13.87 30.58
N GLU A 205 -11.19 -13.70 31.88
CA GLU A 205 -9.99 -13.74 32.73
C GLU A 205 -9.35 -15.10 32.72
N SER A 206 -10.16 -16.15 32.78
CA SER A 206 -9.55 -17.44 32.73
C SER A 206 -9.08 -17.82 31.33
N PHE A 207 -9.82 -17.35 30.31
CA PHE A 207 -9.43 -17.63 28.96
C PHE A 207 -8.06 -17.04 28.65
N VAL A 208 -7.80 -15.78 28.97
CA VAL A 208 -6.52 -15.24 28.57
C VAL A 208 -5.37 -15.93 29.39
N ARG A 209 -5.68 -16.30 30.64
CA ARG A 209 -4.68 -17.02 31.46
C ARG A 209 -4.38 -18.43 30.93
N ASP A 210 -5.39 -19.10 30.38
CA ASP A 210 -5.20 -20.37 29.75
C ASP A 210 -4.33 -20.25 28.50
N GLU A 211 -4.54 -19.17 27.74
CA GLU A 211 -3.85 -19.02 26.51
C GLU A 211 -2.43 -18.52 26.74
N LEU A 212 -2.25 -17.52 27.61
CA LEU A 212 -0.93 -16.89 27.79
C LEU A 212 -0.12 -17.38 29.00
N GLY A 213 -0.84 -17.87 30.00
CA GLY A 213 -0.26 -18.10 31.31
C GLY A 213 -0.44 -16.92 32.18
N ALA A 214 -0.58 -17.20 33.49
CA ALA A 214 -0.74 -16.16 34.47
C ALA A 214 0.47 -15.29 34.55
N ALA A 215 1.69 -15.86 34.33
CA ALA A 215 2.90 -15.02 34.43
C ALA A 215 2.88 -13.90 33.41
N THR A 216 2.52 -14.22 32.14
CA THR A 216 2.47 -13.21 31.13
C THR A 216 1.30 -12.23 31.35
N VAL A 217 0.14 -12.74 31.69
CA VAL A 217 -0.98 -11.78 31.98
C VAL A 217 -0.56 -10.80 33.09
N ASP A 218 0.07 -11.32 34.17
CA ASP A 218 0.51 -10.44 35.22
C ASP A 218 1.53 -9.45 34.80
N ARG A 219 2.45 -9.92 33.98
CA ARG A 219 3.43 -9.00 33.45
C ARG A 219 2.73 -7.89 32.63
N PHE A 220 1.79 -8.29 31.82
CA PHE A 220 1.03 -7.26 31.01
C PHE A 220 0.28 -6.30 31.86
N HIS A 221 -0.28 -6.75 32.98
CA HIS A 221 -0.90 -5.89 33.93
C HIS A 221 0.10 -4.89 34.48
N GLY A 222 1.30 -5.43 34.81
CA GLY A 222 2.39 -4.62 35.30
C GLY A 222 2.90 -3.55 34.34
N VAL A 223 2.95 -3.87 33.05
CA VAL A 223 3.20 -2.84 32.02
C VAL A 223 2.17 -1.73 32.11
N LEU A 224 0.89 -2.06 32.18
CA LEU A 224 -0.16 -1.01 32.27
C LEU A 224 -0.01 -0.16 33.53
N ARG A 225 0.16 -0.84 34.65
CA ARG A 225 0.30 -0.13 35.94
C ARG A 225 1.52 0.75 35.93
N GLY A 226 2.59 0.34 35.25
CA GLY A 226 3.78 1.12 35.19
C GLY A 226 3.58 2.41 34.43
N ARG A 227 2.56 2.49 33.59
CA ARG A 227 2.25 3.73 32.93
C ARG A 227 1.10 4.43 33.58
N GLY A 228 0.72 4.04 34.77
CA GLY A 228 -0.35 4.64 35.47
C GLY A 228 -1.74 4.27 34.98
N LEU A 229 -1.90 3.14 34.30
CA LEU A 229 -3.18 2.70 33.79
C LEU A 229 -3.67 1.52 34.57
N ASP A 230 -4.98 1.38 34.58
CA ASP A 230 -5.66 0.35 35.29
C ASP A 230 -5.92 -0.75 34.34
N PRO A 231 -5.42 -1.93 34.65
CA PRO A 231 -5.72 -3.09 33.80
C PRO A 231 -7.15 -3.41 33.60
N ALA A 232 -7.99 -3.02 34.59
CA ALA A 232 -9.39 -3.25 34.53
C ALA A 232 -10.03 -2.51 33.35
N ASP A 233 -9.37 -1.50 32.81
CA ASP A 233 -9.93 -0.66 31.76
C ASP A 233 -9.54 -1.20 30.40
N TYR A 234 -8.81 -2.30 30.34
CA TYR A 234 -8.22 -2.80 29.07
C TYR A 234 -8.53 -4.24 28.80
N LEU A 235 -8.52 -4.61 27.52
CA LEU A 235 -8.66 -6.00 27.14
C LEU A 235 -7.42 -6.36 26.28
N LEU A 236 -7.04 -7.61 26.24
CA LEU A 236 -5.98 -8.04 25.42
C LEU A 236 -6.40 -8.36 23.99
N ILE A 237 -5.63 -7.88 23.00
CA ILE A 237 -5.89 -8.25 21.61
C ILE A 237 -4.55 -8.64 20.95
N PRO A 238 -4.48 -9.84 20.35
CA PRO A 238 -3.29 -10.27 19.65
C PRO A 238 -3.38 -9.76 18.18
N VAL A 239 -2.27 -9.30 17.64
CA VAL A 239 -2.22 -8.80 16.28
C VAL A 239 -1.12 -9.36 15.48
N HIS A 240 -1.37 -9.42 14.18
CA HIS A 240 -0.35 -9.89 13.27
C HIS A 240 0.80 -8.83 13.27
N PRO A 241 2.07 -9.26 13.36
CA PRO A 241 3.10 -8.25 13.39
C PRO A 241 3.14 -7.37 12.17
N TRP A 242 2.80 -7.87 11.01
CA TRP A 242 2.69 -6.99 9.86
C TRP A 242 1.70 -5.90 10.08
N GLN A 243 0.59 -6.25 10.66
CA GLN A 243 -0.46 -5.26 10.92
C GLN A 243 -0.02 -4.21 11.88
N TRP A 244 0.69 -4.61 12.92
CA TRP A 244 1.17 -3.70 13.91
C TRP A 244 2.16 -2.69 13.28
N TRP A 245 3.20 -3.23 12.68
CA TRP A 245 4.30 -2.39 12.18
C TRP A 245 3.91 -1.47 11.01
N ASN A 246 3.00 -1.98 10.18
CA ASN A 246 2.65 -1.31 8.93
C ASN A 246 1.35 -0.53 9.03
N LYS A 247 0.42 -0.89 9.88
CA LYS A 247 -0.90 -0.22 9.91
C LYS A 247 -1.22 0.40 11.25
N LEU A 248 -1.18 -0.41 12.32
CA LEU A 248 -1.70 0.10 13.59
C LEU A 248 -0.92 1.21 14.11
N THR A 249 0.38 1.15 13.91
CA THR A 249 1.26 2.20 14.41
C THR A 249 1.20 3.46 13.57
N VAL A 250 0.53 3.42 12.43
CA VAL A 250 0.43 4.56 11.56
C VAL A 250 -0.98 5.04 11.44
N THR A 251 -1.73 4.17 10.80
CA THR A 251 -3.17 4.46 10.63
C THR A 251 -3.88 4.63 11.96
N PHE A 252 -3.51 3.83 12.99
CA PHE A 252 -4.09 4.03 14.31
C PHE A 252 -3.10 4.66 15.31
N ALA A 253 -2.29 5.57 14.80
CA ALA A 253 -1.35 6.24 15.69
C ALA A 253 -2.04 7.01 16.79
N ALA A 254 -3.21 7.58 16.49
CA ALA A 254 -3.88 8.26 17.54
C ALA A 254 -4.28 7.38 18.70
N GLU A 255 -4.53 6.12 18.40
CA GLU A 255 -4.93 5.21 19.43
C GLU A 255 -3.73 4.83 20.34
N VAL A 256 -2.62 4.55 19.67
CA VAL A 256 -1.37 4.29 20.44
C VAL A 256 -1.03 5.54 21.27
N ALA A 257 -1.08 6.73 20.67
CA ALA A 257 -0.65 7.87 21.35
C ALA A 257 -1.48 8.26 22.57
N ARG A 258 -2.80 8.05 22.43
CA ARG A 258 -3.72 8.40 23.50
C ARG A 258 -3.80 7.31 24.55
N GLY A 259 -3.13 6.21 24.38
CA GLY A 259 -3.20 5.13 25.32
C GLY A 259 -4.45 4.29 25.17
N HIS A 260 -5.17 4.44 24.04
CA HIS A 260 -6.25 3.54 23.76
C HIS A 260 -5.76 2.18 23.39
N LEU A 261 -4.53 2.08 22.80
CA LEU A 261 -3.87 0.89 22.55
C LEU A 261 -2.51 1.01 23.21
N VAL A 262 -2.08 -0.01 23.90
CA VAL A 262 -0.73 0.02 24.52
C VAL A 262 -0.02 -1.25 24.05
N CYS A 263 1.17 -1.12 23.54
CA CYS A 263 1.96 -2.23 23.02
C CYS A 263 2.53 -3.02 24.19
N LEU A 264 2.17 -4.23 24.32
CA LEU A 264 2.67 -5.15 25.43
C LEU A 264 3.81 -6.04 24.99
N GLY A 265 4.16 -6.07 23.74
CA GLY A 265 5.34 -6.75 23.22
C GLY A 265 4.91 -8.03 22.52
N GLU A 266 5.88 -8.86 22.17
CA GLU A 266 5.64 -10.13 21.48
C GLU A 266 5.28 -11.23 22.42
N GLY A 267 4.38 -12.04 22.02
CA GLY A 267 4.06 -13.30 22.73
C GLY A 267 5.19 -14.33 22.54
N ASP A 268 5.20 -15.22 23.50
CA ASP A 268 6.24 -16.25 23.60
CA ASP A 268 6.25 -16.24 23.55
C ASP A 268 6.01 -17.38 22.60
N ASP A 269 4.75 -17.80 22.40
CA ASP A 269 4.50 -18.97 21.58
C ASP A 269 4.76 -18.70 20.15
N GLU A 270 5.20 -19.72 19.46
CA GLU A 270 5.49 -19.65 18.02
C GLU A 270 4.27 -20.17 17.29
N TYR A 271 3.79 -19.35 16.37
CA TYR A 271 2.71 -19.77 15.53
C TYR A 271 3.16 -19.96 14.04
N LEU A 272 2.37 -20.70 13.33
CA LEU A 272 2.54 -20.91 11.86
C LEU A 272 1.30 -20.38 11.18
N ALA A 273 1.48 -19.53 10.20
CA ALA A 273 0.38 -19.09 9.34
C ALA A 273 -0.13 -20.32 8.60
N GLN A 274 -1.45 -20.43 8.55
CA GLN A 274 -2.14 -21.43 7.86
C GLN A 274 -2.39 -20.94 6.46
N GLN A 275 -3.08 -21.75 5.67
CA GLN A 275 -3.34 -21.37 4.29
C GLN A 275 -4.02 -19.99 4.19
N SER A 276 -4.92 -19.70 5.11
CA SER A 276 -5.59 -18.43 5.05
C SER A 276 -4.70 -17.19 5.44
N ILE A 277 -3.48 -17.37 5.69
CA ILE A 277 -2.43 -16.38 5.86
C ILE A 277 -2.48 -15.67 7.22
N ARG A 278 -3.66 -15.21 7.59
CA ARG A 278 -3.74 -14.55 8.89
C ARG A 278 -4.39 -15.35 10.00
N THR A 279 -4.58 -16.63 9.78
CA THR A 279 -4.96 -17.53 10.84
C THR A 279 -3.72 -18.30 11.22
N PHE A 280 -3.46 -18.33 12.52
CA PHE A 280 -2.23 -18.90 13.07
C PHE A 280 -2.53 -20.10 13.95
N PHE A 281 -1.83 -21.20 13.67
CA PHE A 281 -1.79 -22.42 14.46
C PHE A 281 -0.64 -22.30 15.47
N ASN A 282 -0.91 -22.73 16.71
CA ASN A 282 0.07 -22.62 17.73
C ASN A 282 1.03 -23.79 17.67
N ALA A 283 2.19 -23.59 17.11
CA ALA A 283 3.16 -24.65 16.94
C ALA A 283 3.81 -25.01 18.23
N SER A 284 3.96 -24.05 19.11
CA SER A 284 4.54 -24.38 20.48
C SER A 284 3.60 -25.22 21.26
N HIS A 285 2.31 -25.03 21.14
CA HIS A 285 1.28 -25.71 21.93
C HIS A 285 0.12 -26.05 21.03
N PRO A 286 0.25 -27.10 20.28
CA PRO A 286 -0.75 -27.39 19.19
C PRO A 286 -2.18 -27.54 19.65
N GLY A 287 -2.38 -27.77 20.94
CA GLY A 287 -3.71 -27.78 21.49
C GLY A 287 -4.36 -26.50 21.94
N LYS A 288 -3.59 -25.42 21.94
CA LYS A 288 -4.08 -24.10 22.22
C LYS A 288 -4.88 -23.60 20.99
N HIS A 289 -5.55 -22.46 21.16
CA HIS A 289 -6.40 -21.96 20.11
C HIS A 289 -5.57 -21.50 18.91
N TYR A 290 -6.16 -21.61 17.71
CA TYR A 290 -5.75 -20.75 16.61
C TYR A 290 -6.06 -19.37 16.95
N VAL A 291 -5.28 -18.44 16.42
CA VAL A 291 -5.57 -17.02 16.49
C VAL A 291 -5.75 -16.48 15.09
N LYS A 292 -6.92 -15.95 14.80
CA LYS A 292 -7.19 -15.35 13.48
C LYS A 292 -7.09 -13.78 13.66
N THR A 293 -6.25 -13.16 12.85
CA THR A 293 -5.90 -11.77 13.01
C THR A 293 -6.35 -10.94 11.80
N ALA A 294 -6.50 -9.65 12.02
CA ALA A 294 -6.77 -8.66 10.98
C ALA A 294 -5.44 -8.40 10.23
N LEU A 295 -5.46 -8.49 8.91
CA LEU A 295 -4.30 -8.27 8.10
C LEU A 295 -4.74 -7.51 6.85
N SER A 296 -4.33 -6.30 6.74
CA SER A 296 -4.75 -5.43 5.64
C SER A 296 -3.84 -5.65 4.42
N VAL A 297 -3.76 -6.85 3.95
CA VAL A 297 -3.04 -7.22 2.71
C VAL A 297 -4.10 -7.71 1.68
N LEU A 298 -3.84 -7.54 0.39
CA LEU A 298 -4.75 -7.95 -0.69
C LEU A 298 -4.46 -9.40 -1.20
N ASN A 299 -5.47 -10.27 -1.23
CA ASN A 299 -5.27 -11.61 -1.77
C ASN A 299 -6.61 -12.09 -2.40
N MET A 300 -6.55 -12.62 -3.61
CA MET A 300 -7.83 -13.10 -4.27
C MET A 300 -9.10 -12.25 -4.04
N GLY A 301 -8.95 -10.98 -4.37
CA GLY A 301 -10.08 -10.08 -4.46
C GLY A 301 -10.49 -9.37 -3.19
N PHE A 302 -9.81 -9.66 -2.08
CA PHE A 302 -10.26 -9.08 -0.81
C PHE A 302 -9.03 -8.69 0.01
N MET A 303 -9.18 -7.63 0.81
CA MET A 303 -8.22 -7.40 1.95
C MET A 303 -8.54 -8.45 3.01
N GLN A 304 -7.54 -8.86 3.75
CA GLN A 304 -7.65 -9.92 4.74
C GLN A 304 -7.92 -9.38 6.16
N GLY A 305 -8.77 -8.29 6.18
CA GLY A 305 -9.12 -7.65 7.42
C GLY A 305 -10.08 -8.50 8.18
N LEU A 306 -10.47 -8.01 9.36
CA LEU A 306 -11.38 -8.78 10.23
C LEU A 306 -12.27 -7.78 10.90
N SER A 307 -13.58 -7.87 10.61
CA SER A 307 -14.53 -6.97 11.03
C SER A 307 -14.78 -6.99 12.53
N ALA A 308 -14.55 -5.85 13.15
CA ALA A 308 -14.77 -5.71 14.58
C ALA A 308 -16.26 -5.95 14.89
N ALA A 309 -17.14 -5.49 13.97
CA ALA A 309 -18.55 -5.43 14.31
C ALA A 309 -19.13 -6.84 14.28
N TYR A 310 -18.64 -7.64 13.41
CA TYR A 310 -19.07 -8.98 13.28
C TYR A 310 -18.62 -9.87 14.44
N MET A 311 -17.58 -9.46 15.19
CA MET A 311 -17.06 -10.28 16.27
C MET A 311 -18.11 -10.51 17.35
N GLU A 312 -18.99 -9.56 17.61
CA GLU A 312 -19.90 -9.67 18.64
C GLU A 312 -20.81 -10.92 18.49
N ALA A 313 -21.15 -11.30 17.30
CA ALA A 313 -22.02 -12.44 17.04
C ALA A 313 -21.25 -13.73 16.79
N THR A 314 -19.95 -13.62 16.67
CA THR A 314 -19.15 -14.70 16.13
C THR A 314 -19.23 -15.99 17.02
N PRO A 315 -18.91 -15.86 18.34
CA PRO A 315 -19.00 -17.09 19.12
C PRO A 315 -20.40 -17.69 19.22
N ALA A 316 -21.42 -16.86 19.27
CA ALA A 316 -22.79 -17.27 19.30
C ALA A 316 -23.22 -18.05 18.05
N ILE A 317 -22.79 -17.60 16.86
CA ILE A 317 -23.07 -18.35 15.67
C ILE A 317 -22.44 -19.74 15.71
N ASN A 318 -21.23 -19.82 16.21
CA ASN A 318 -20.50 -21.10 16.32
C ASN A 318 -21.18 -21.97 17.33
N ASP A 319 -21.66 -21.41 18.44
CA ASP A 319 -22.31 -22.21 19.46
C ASP A 319 -23.63 -22.78 18.88
N TRP A 320 -24.39 -21.96 18.17
CA TRP A 320 -25.63 -22.36 17.57
C TRP A 320 -25.34 -23.54 16.60
N LEU A 321 -24.31 -23.41 15.82
CA LEU A 321 -24.05 -24.40 14.81
C LEU A 321 -23.57 -25.73 15.50
N ALA A 322 -22.67 -25.63 16.43
CA ALA A 322 -22.21 -26.79 17.09
C ALA A 322 -23.36 -27.55 17.80
N ARG A 323 -24.31 -26.80 18.38
CA ARG A 323 -25.41 -27.45 19.01
C ARG A 323 -26.36 -28.10 17.99
N LEU A 324 -26.56 -27.41 16.89
CA LEU A 324 -27.36 -27.95 15.78
C LEU A 324 -26.77 -29.28 15.23
N ILE A 325 -25.46 -29.31 15.10
CA ILE A 325 -24.79 -30.48 14.57
C ILE A 325 -24.95 -31.63 15.56
N GLU A 326 -24.69 -31.31 16.82
CA GLU A 326 -24.79 -32.31 17.89
C GLU A 326 -26.22 -32.87 17.96
N GLY A 327 -27.26 -32.06 17.66
CA GLY A 327 -28.58 -32.54 17.72
C GLY A 327 -29.13 -33.38 16.56
N ASP A 328 -28.37 -33.45 15.45
CA ASP A 328 -28.95 -33.95 14.19
C ASP A 328 -28.44 -35.40 13.96
N PRO A 329 -29.35 -36.39 13.91
CA PRO A 329 -28.88 -37.76 13.76
C PRO A 329 -28.09 -38.05 12.50
N VAL A 330 -28.44 -37.41 11.39
CA VAL A 330 -27.63 -37.64 10.14
C VAL A 330 -26.24 -37.10 10.31
N LEU A 331 -26.13 -35.86 10.89
CA LEU A 331 -24.86 -35.28 11.05
C LEU A 331 -24.03 -36.05 12.08
N LYS A 332 -24.70 -36.55 13.09
CA LYS A 332 -24.00 -37.41 14.06
C LYS A 332 -23.33 -38.63 13.36
N GLU A 333 -24.11 -39.26 12.52
CA GLU A 333 -23.67 -40.43 11.85
C GLU A 333 -22.40 -40.19 10.97
N THR A 334 -22.35 -38.98 10.40
CA THR A 334 -21.22 -38.62 9.59
C THR A 334 -19.98 -38.34 10.37
N GLY A 335 -20.08 -38.01 11.63
CA GLY A 335 -19.00 -37.66 12.47
C GLY A 335 -18.66 -36.17 12.42
N LEU A 336 -19.41 -35.34 11.68
CA LEU A 336 -19.13 -33.93 11.53
C LEU A 336 -18.92 -33.21 12.85
N SER A 337 -17.97 -32.33 12.85
CA SER A 337 -17.80 -31.38 13.88
C SER A 337 -17.25 -30.12 13.33
N ILE A 338 -17.35 -29.11 14.13
CA ILE A 338 -16.60 -27.89 13.87
C ILE A 338 -15.57 -27.58 14.89
N ILE A 339 -14.54 -26.82 14.51
CA ILE A 339 -13.71 -26.21 15.48
C ILE A 339 -14.26 -24.81 15.69
N ARG A 340 -14.79 -24.58 16.89
CA ARG A 340 -15.54 -23.36 17.11
C ARG A 340 -14.62 -22.14 17.25
N GLU A 341 -15.11 -21.06 16.74
CA GLU A 341 -14.62 -19.71 17.10
C GLU A 341 -15.21 -19.44 18.45
N ARG A 342 -14.40 -19.47 19.47
CA ARG A 342 -14.81 -19.50 20.82
C ARG A 342 -14.83 -18.17 21.52
N ALA A 343 -14.02 -17.23 21.05
CA ALA A 343 -13.90 -15.93 21.70
C ALA A 343 -13.46 -14.98 20.56
N ALA A 344 -13.77 -13.74 20.77
CA ALA A 344 -13.39 -12.71 19.76
C ALA A 344 -13.27 -11.39 20.45
N VAL A 345 -12.47 -10.51 19.84
CA VAL A 345 -12.31 -9.20 20.36
C VAL A 345 -12.37 -8.28 19.12
N GLY A 346 -13.14 -7.20 19.26
CA GLY A 346 -13.15 -6.19 18.22
C GLY A 346 -12.81 -4.83 18.79
N TYR A 347 -12.16 -4.00 17.96
CA TYR A 347 -11.77 -2.70 18.37
C TYR A 347 -12.50 -1.74 17.42
N ARG A 348 -13.18 -0.78 17.98
CA ARG A 348 -13.82 0.30 17.18
C ARG A 348 -13.09 1.58 17.20
N HIS A 349 -12.41 1.93 16.08
CA HIS A 349 -11.74 3.22 15.94
C HIS A 349 -12.87 4.20 15.64
N LEU A 350 -13.26 4.90 16.68
CA LEU A 350 -14.46 5.67 16.68
C LEU A 350 -14.42 6.77 15.63
N GLU A 351 -13.25 7.35 15.41
CA GLU A 351 -13.14 8.41 14.39
C GLU A 351 -13.22 7.86 12.96
N TYR A 352 -12.55 6.73 12.72
CA TYR A 352 -12.68 6.02 11.41
C TYR A 352 -14.11 5.56 11.22
N GLU A 353 -14.77 5.10 12.28
CA GLU A 353 -16.17 4.80 12.20
C GLU A 353 -17.03 5.97 11.71
N GLN A 354 -16.86 7.14 12.32
CA GLN A 354 -17.61 8.26 11.91
C GLN A 354 -17.29 8.73 10.49
N ALA A 355 -16.14 8.36 9.98
CA ALA A 355 -15.64 8.80 8.71
C ALA A 355 -15.96 7.88 7.56
N THR A 356 -16.60 6.74 7.85
CA THR A 356 -16.75 5.69 6.93
C THR A 356 -18.18 5.08 7.02
N ASP A 357 -18.48 4.24 6.09
CA ASP A 357 -19.66 3.39 6.26
C ASP A 357 -19.32 2.01 6.73
N ARG A 358 -20.35 1.22 7.00
CA ARG A 358 -20.10 -0.08 7.61
C ARG A 358 -19.27 -1.01 6.81
N TYR A 359 -19.15 -0.78 5.54
CA TYR A 359 -18.38 -1.69 4.69
C TYR A 359 -16.91 -1.34 4.56
N SER A 360 -16.44 -0.26 5.14
CA SER A 360 -15.07 0.19 4.94
C SER A 360 -14.03 -0.74 5.48
N PRO A 361 -12.91 -0.90 4.75
CA PRO A 361 -11.80 -1.57 5.31
C PRO A 361 -11.20 -0.95 6.52
N TYR A 362 -11.48 0.34 6.74
CA TYR A 362 -10.99 0.97 7.95
C TYR A 362 -11.64 0.48 9.17
N ARG A 363 -12.73 -0.20 9.07
CA ARG A 363 -13.39 -0.81 10.24
C ARG A 363 -12.93 -2.26 10.45
N LYS A 364 -12.02 -2.78 9.66
CA LYS A 364 -11.66 -4.12 9.75
C LYS A 364 -10.18 -4.27 10.04
N MET A 365 -9.59 -3.24 10.62
CA MET A 365 -8.17 -3.28 10.80
C MET A 365 -7.76 -3.83 12.17
N LEU A 366 -8.67 -3.99 13.11
CA LEU A 366 -8.15 -4.48 14.43
C LEU A 366 -9.32 -5.27 15.15
N ALA A 367 -9.15 -6.56 15.05
CA ALA A 367 -10.07 -7.53 15.62
C ALA A 367 -9.29 -8.81 15.63
N ALA A 368 -9.71 -9.76 16.48
CA ALA A 368 -9.11 -11.08 16.47
C ALA A 368 -10.11 -12.06 16.97
N LEU A 369 -9.95 -13.33 16.58
CA LEU A 369 -10.76 -14.36 17.18
C LEU A 369 -9.89 -15.50 17.51
N TRP A 370 -10.34 -16.35 18.42
CA TRP A 370 -9.66 -17.55 18.77
C TRP A 370 -10.56 -18.73 18.38
N ARG A 371 -9.97 -19.73 17.76
CA ARG A 371 -10.68 -20.89 17.24
C ARG A 371 -10.01 -22.10 17.91
N GLU A 372 -10.84 -23.00 18.36
CA GLU A 372 -10.25 -24.15 19.03
C GLU A 372 -9.46 -25.07 18.04
N SER A 373 -8.43 -25.67 18.59
CA SER A 373 -7.63 -26.54 17.81
C SER A 373 -8.33 -27.92 17.67
N PRO A 374 -8.12 -28.62 16.55
CA PRO A 374 -8.65 -29.96 16.43
C PRO A 374 -7.75 -31.00 17.13
N VAL A 375 -6.56 -30.61 17.52
CA VAL A 375 -5.56 -31.57 18.01
C VAL A 375 -5.97 -32.31 19.28
N PRO A 376 -6.55 -31.63 20.22
CA PRO A 376 -6.97 -32.41 21.43
C PRO A 376 -8.05 -33.42 21.16
N SER A 377 -8.79 -33.32 20.07
CA SER A 377 -9.87 -34.25 19.82
C SER A 377 -9.39 -35.54 19.23
N ILE A 378 -8.20 -35.63 18.71
CA ILE A 378 -7.90 -36.83 18.01
C ILE A 378 -7.27 -37.93 18.90
N ARG A 379 -7.42 -39.15 18.46
CA ARG A 379 -7.04 -40.29 19.25
C ARG A 379 -5.87 -40.99 18.62
N GLU A 380 -5.30 -41.93 19.36
CA GLU A 380 -4.19 -42.63 18.86
C GLU A 380 -4.38 -43.19 17.50
N GLY A 381 -3.40 -43.05 16.62
CA GLY A 381 -3.51 -43.56 15.27
C GLY A 381 -4.20 -42.57 14.28
N GLU A 382 -4.64 -41.42 14.78
CA GLU A 382 -5.32 -40.44 13.90
C GLU A 382 -4.36 -39.30 13.63
N THR A 383 -4.51 -38.75 12.45
CA THR A 383 -3.69 -37.61 12.04
C THR A 383 -4.58 -36.62 11.33
N LEU A 384 -4.08 -35.41 11.11
CA LEU A 384 -4.91 -34.33 10.58
C LEU A 384 -4.32 -33.85 9.24
N ALA A 385 -5.20 -33.46 8.30
CA ALA A 385 -4.75 -32.85 7.12
C ALA A 385 -5.82 -31.96 6.53
N THR A 386 -5.43 -30.77 6.13
CA THR A 386 -6.29 -29.92 5.41
C THR A 386 -6.92 -30.70 4.23
N MET A 387 -8.16 -30.44 3.92
CA MET A 387 -8.76 -31.08 2.79
C MET A 387 -8.15 -30.59 1.51
N ALA A 388 -7.52 -29.42 1.53
CA ALA A 388 -6.86 -28.97 0.33
C ALA A 388 -5.84 -30.03 -0.19
N SER A 389 -5.31 -30.80 0.76
CA SER A 389 -4.37 -31.80 0.42
C SER A 389 -4.91 -32.82 -0.60
N LEU A 390 -6.21 -33.03 -0.63
CA LEU A 390 -6.77 -34.07 -1.52
C LEU A 390 -6.59 -33.65 -2.98
N VAL A 391 -6.44 -32.34 -3.26
CA VAL A 391 -6.21 -31.88 -4.62
C VAL A 391 -4.79 -31.47 -4.82
N HIS A 392 -3.89 -31.80 -3.91
CA HIS A 392 -2.52 -31.51 -4.09
C HIS A 392 -1.88 -32.58 -4.95
N GLN A 393 -1.07 -32.12 -5.83
CA GLN A 393 -0.10 -32.96 -6.58
C GLN A 393 1.31 -32.59 -6.32
N ASP A 394 2.15 -33.53 -6.10
CA ASP A 394 3.52 -33.28 -5.84
C ASP A 394 4.28 -32.90 -7.11
N HIS A 395 5.59 -32.76 -6.96
CA HIS A 395 6.46 -32.40 -8.07
C HIS A 395 6.48 -33.36 -9.21
N GLU A 396 6.13 -34.61 -8.98
CA GLU A 396 5.99 -35.60 -10.05
C GLU A 396 4.57 -35.78 -10.53
N GLY A 397 3.64 -34.99 -10.02
CA GLY A 397 2.29 -35.15 -10.50
C GLY A 397 1.44 -36.14 -9.66
N ALA A 398 1.99 -36.68 -8.53
CA ALA A 398 1.31 -37.72 -7.82
C ALA A 398 0.30 -37.02 -6.84
N SER A 399 -0.91 -37.45 -6.90
CA SER A 399 -1.98 -36.96 -6.08
C SER A 399 -1.74 -37.37 -4.59
N PHE A 400 -1.92 -36.47 -3.67
CA PHE A 400 -1.90 -36.81 -2.24
C PHE A 400 -3.14 -37.66 -1.89
N ALA A 401 -4.27 -37.40 -2.51
CA ALA A 401 -5.39 -38.31 -2.30
C ALA A 401 -5.05 -39.74 -2.74
N GLY A 402 -4.32 -39.85 -3.86
CA GLY A 402 -3.81 -41.09 -4.33
C GLY A 402 -2.93 -41.76 -3.33
N ALA A 403 -2.10 -41.00 -2.71
CA ALA A 403 -1.18 -41.58 -1.70
C ALA A 403 -1.95 -42.11 -0.47
N LEU A 404 -3.05 -41.40 -0.10
CA LEU A 404 -3.91 -41.87 0.98
C LEU A 404 -4.64 -43.13 0.59
N ILE A 405 -5.13 -43.19 -0.64
CA ILE A 405 -5.81 -44.39 -1.15
C ILE A 405 -4.85 -45.57 -0.99
N GLU A 406 -3.66 -45.36 -1.44
CA GLU A 406 -2.66 -46.43 -1.45
C GLU A 406 -2.34 -46.89 -0.02
N ARG A 407 -2.18 -45.97 0.89
CA ARG A 407 -1.84 -46.30 2.24
C ARG A 407 -3.02 -47.03 2.93
N SER A 408 -4.24 -46.72 2.54
CA SER A 408 -5.37 -47.30 3.12
C SER A 408 -5.58 -48.77 2.83
N GLY A 409 -5.10 -49.23 1.64
CA GLY A 409 -5.36 -50.54 1.20
C GLY A 409 -6.77 -50.71 0.67
N LEU A 410 -7.60 -49.67 0.65
CA LEU A 410 -8.96 -49.79 0.13
C LEU A 410 -8.99 -49.61 -1.35
N THR A 411 -10.09 -49.99 -1.98
CA THR A 411 -10.29 -49.62 -3.33
C THR A 411 -10.50 -48.09 -3.41
N PRO A 412 -10.24 -47.51 -4.60
CA PRO A 412 -10.46 -46.07 -4.63
C PRO A 412 -11.86 -45.67 -4.29
N THR A 413 -12.84 -46.41 -4.83
CA THR A 413 -14.22 -46.01 -4.50
C THR A 413 -14.62 -46.27 -3.04
N GLU A 414 -14.04 -47.26 -2.40
CA GLU A 414 -14.34 -47.49 -0.93
C GLU A 414 -13.71 -46.32 -0.17
N TRP A 415 -12.50 -45.90 -0.54
CA TRP A 415 -11.85 -44.78 0.10
C TRP A 415 -12.72 -43.52 -0.12
N LEU A 416 -13.17 -43.34 -1.37
CA LEU A 416 -13.99 -42.18 -1.66
C LEU A 416 -15.27 -42.15 -0.87
N ARG A 417 -15.88 -43.33 -0.67
CA ARG A 417 -17.11 -43.37 0.06
C ARG A 417 -16.94 -42.86 1.52
N HIS A 418 -15.81 -43.19 2.14
CA HIS A 418 -15.57 -42.74 3.48
C HIS A 418 -15.43 -41.21 3.48
N TYR A 419 -14.64 -40.69 2.53
CA TYR A 419 -14.44 -39.26 2.46
C TYR A 419 -15.77 -38.57 2.24
N LEU A 420 -16.53 -39.06 1.29
CA LEU A 420 -17.80 -38.45 0.90
C LEU A 420 -18.82 -38.46 2.03
N ARG A 421 -18.86 -39.54 2.78
CA ARG A 421 -19.78 -39.60 3.96
C ARG A 421 -19.37 -38.58 5.00
N ALA A 422 -18.09 -38.40 5.19
CA ALA A 422 -17.66 -37.51 6.23
C ALA A 422 -17.80 -36.03 5.83
N TYR A 423 -17.45 -35.72 4.57
CA TYR A 423 -17.36 -34.33 4.14
C TYR A 423 -18.62 -33.82 3.42
N TYR A 424 -19.11 -34.61 2.49
CA TYR A 424 -20.12 -34.23 1.51
C TYR A 424 -21.52 -34.45 2.02
N VAL A 425 -21.84 -35.62 2.62
CA VAL A 425 -23.19 -35.79 3.15
C VAL A 425 -23.63 -34.70 4.11
N PRO A 426 -22.71 -34.22 4.98
CA PRO A 426 -23.17 -33.16 5.89
C PRO A 426 -23.64 -31.89 5.12
N LEU A 427 -23.01 -31.67 3.97
CA LEU A 427 -23.38 -30.53 3.13
C LEU A 427 -24.71 -30.70 2.53
N LEU A 428 -24.99 -31.91 2.03
CA LEU A 428 -26.29 -32.21 1.54
C LEU A 428 -27.35 -32.02 2.63
N HIS A 429 -27.09 -32.60 3.82
CA HIS A 429 -28.13 -32.62 4.81
C HIS A 429 -28.32 -31.22 5.39
N SER A 430 -27.23 -30.47 5.51
CA SER A 430 -27.29 -29.12 5.99
C SER A 430 -28.21 -28.29 5.08
N PHE A 431 -28.02 -28.50 3.80
CA PHE A 431 -28.89 -27.80 2.83
C PHE A 431 -30.32 -28.22 2.91
N TYR A 432 -30.62 -29.54 2.83
CA TYR A 432 -31.98 -29.95 2.76
C TYR A 432 -32.76 -29.81 4.05
N ALA A 433 -32.12 -30.05 5.18
CA ALA A 433 -32.81 -30.04 6.47
C ALA A 433 -32.84 -28.68 7.09
N TYR A 434 -31.85 -27.87 6.83
CA TYR A 434 -31.75 -26.54 7.55
C TYR A 434 -31.63 -25.32 6.65
N ASP A 435 -31.53 -25.55 5.31
CA ASP A 435 -31.21 -24.45 4.40
C ASP A 435 -29.86 -23.82 4.69
N LEU A 436 -28.95 -24.63 5.27
CA LEU A 436 -27.73 -24.16 5.82
C LEU A 436 -26.56 -24.53 4.86
N VAL A 437 -25.75 -23.55 4.58
CA VAL A 437 -24.58 -23.70 3.71
C VAL A 437 -23.38 -23.07 4.35
N TYR A 438 -22.21 -23.55 3.94
CA TYR A 438 -20.96 -23.18 4.52
C TYR A 438 -20.04 -22.54 3.39
N MET A 439 -18.73 -22.55 3.55
CA MET A 439 -17.79 -22.31 2.40
C MET A 439 -16.84 -23.48 2.48
N PRO A 440 -17.31 -24.65 2.03
CA PRO A 440 -16.65 -25.92 2.32
C PRO A 440 -15.53 -26.31 1.36
N HIS A 441 -14.66 -25.35 1.07
CA HIS A 441 -13.52 -25.60 0.20
C HIS A 441 -12.34 -26.16 1.01
N GLY A 442 -11.26 -26.39 0.27
CA GLY A 442 -10.13 -27.07 0.84
C GLY A 442 -9.63 -26.55 2.18
N GLU A 443 -9.44 -25.22 2.26
CA GLU A 443 -8.96 -24.72 3.45
C GLU A 443 -9.91 -24.60 4.61
N ASN A 444 -11.17 -24.76 4.36
CA ASN A 444 -12.15 -24.69 5.44
C ASN A 444 -12.57 -26.06 5.93
N VAL A 445 -11.85 -27.13 5.57
CA VAL A 445 -12.15 -28.43 6.07
C VAL A 445 -10.87 -29.09 6.52
N ILE A 446 -10.89 -29.75 7.67
CA ILE A 446 -9.75 -30.48 8.13
C ILE A 446 -10.19 -31.92 8.18
N LEU A 447 -9.37 -32.81 7.65
CA LEU A 447 -9.70 -34.24 7.68
C LEU A 447 -9.03 -34.93 8.79
N VAL A 448 -9.74 -35.83 9.46
CA VAL A 448 -9.19 -36.71 10.48
C VAL A 448 -8.93 -38.03 9.78
N LEU A 449 -7.68 -38.42 9.75
CA LEU A 449 -7.27 -39.61 9.01
C LEU A 449 -6.85 -40.72 9.92
N ALA A 450 -7.20 -41.98 9.55
CA ALA A 450 -6.72 -43.11 10.28
C ALA A 450 -6.36 -44.15 9.21
N ASP A 451 -5.08 -44.54 9.16
CA ASP A 451 -4.60 -45.59 8.19
C ASP A 451 -4.97 -45.18 6.75
N GLY A 452 -4.78 -43.94 6.46
CA GLY A 452 -5.11 -43.31 5.16
C GLY A 452 -6.56 -43.03 4.85
N VAL A 453 -7.48 -43.40 5.77
CA VAL A 453 -8.88 -43.24 5.53
C VAL A 453 -9.44 -42.03 6.25
N VAL A 454 -10.38 -41.31 5.61
CA VAL A 454 -11.02 -40.20 6.25
C VAL A 454 -12.04 -40.71 7.22
N ARG A 455 -11.82 -40.53 8.52
CA ARG A 455 -12.73 -41.01 9.50
C ARG A 455 -13.81 -39.97 9.80
N ARG A 456 -13.49 -38.70 9.74
CA ARG A 456 -14.49 -37.62 9.94
C ARG A 456 -13.85 -36.32 9.43
N ALA A 457 -14.68 -35.31 9.20
CA ALA A 457 -14.33 -34.04 8.72
C ALA A 457 -14.65 -32.96 9.80
N VAL A 458 -13.82 -31.95 9.84
CA VAL A 458 -14.02 -30.85 10.78
C VAL A 458 -14.14 -29.58 9.97
N TYR A 459 -15.22 -28.81 10.10
CA TYR A 459 -15.32 -27.60 9.44
C TYR A 459 -14.79 -26.42 10.23
N LYS A 460 -14.33 -25.39 9.52
CA LYS A 460 -13.89 -24.12 10.18
C LYS A 460 -14.27 -22.96 9.31
N ASP A 461 -14.08 -21.78 9.91
CA ASP A 461 -14.47 -20.51 9.24
C ASP A 461 -15.99 -20.38 9.14
N ILE A 462 -16.60 -20.28 10.30
CA ILE A 462 -18.00 -20.43 10.41
C ILE A 462 -18.76 -19.13 10.39
N ALA A 463 -18.49 -18.26 11.38
CA ALA A 463 -19.29 -17.06 11.52
C ALA A 463 -19.30 -16.17 10.28
N GLU A 464 -18.19 -16.14 9.59
CA GLU A 464 -18.18 -15.24 8.41
C GLU A 464 -18.69 -15.87 7.12
N GLU A 465 -18.87 -17.19 7.14
CA GLU A 465 -19.22 -17.89 5.90
C GLU A 465 -20.58 -18.54 5.91
N ILE A 466 -21.10 -18.96 7.10
CA ILE A 466 -22.33 -19.75 6.99
C ILE A 466 -23.57 -18.94 6.68
N ALA A 467 -24.53 -19.53 6.08
CA ALA A 467 -25.72 -18.87 5.73
C ALA A 467 -26.89 -19.80 5.88
N VAL A 468 -28.04 -19.25 6.21
CA VAL A 468 -29.26 -19.94 6.17
C VAL A 468 -30.14 -19.30 5.10
N MET A 469 -30.44 -20.10 4.09
CA MET A 469 -31.17 -19.54 2.94
C MET A 469 -32.65 -19.65 3.13
N ASP A 470 -33.11 -18.82 4.03
CA ASP A 470 -34.53 -18.70 4.33
C ASP A 470 -34.62 -17.35 5.06
N PRO A 471 -35.08 -16.30 4.38
CA PRO A 471 -35.07 -15.02 5.05
C PRO A 471 -36.00 -14.99 6.25
N ASP A 472 -36.93 -15.92 6.40
CA ASP A 472 -37.86 -15.94 7.58
C ASP A 472 -37.46 -16.95 8.61
N ALA A 473 -36.26 -17.50 8.48
CA ALA A 473 -35.79 -18.51 9.40
C ALA A 473 -35.97 -17.99 10.80
N VAL A 474 -36.46 -18.84 11.68
CA VAL A 474 -36.43 -18.51 13.09
C VAL A 474 -35.14 -18.94 13.75
N LEU A 475 -34.42 -17.98 14.25
CA LEU A 475 -33.12 -18.17 14.77
C LEU A 475 -32.91 -17.32 16.01
N PRO A 476 -32.02 -17.73 16.90
CA PRO A 476 -31.80 -16.90 18.07
C PRO A 476 -31.34 -15.53 17.61
N PRO A 477 -31.85 -14.44 18.23
CA PRO A 477 -31.45 -13.09 17.77
C PRO A 477 -30.05 -12.80 17.46
N GLU A 478 -29.13 -13.28 18.25
CA GLU A 478 -27.72 -13.07 18.06
C GLU A 478 -27.16 -13.72 16.75
N VAL A 479 -27.83 -14.76 16.26
CA VAL A 479 -27.41 -15.40 15.02
C VAL A 479 -28.27 -15.08 13.77
N SER A 480 -29.31 -14.27 13.91
CA SER A 480 -30.28 -14.10 12.82
C SER A 480 -29.67 -13.41 11.59
N ARG A 481 -28.54 -12.76 11.72
CA ARG A 481 -27.85 -12.10 10.64
C ARG A 481 -27.43 -13.10 9.57
N ILE A 482 -27.33 -14.41 9.95
CA ILE A 482 -26.90 -15.41 8.92
C ILE A 482 -28.02 -15.74 7.94
N ALA A 483 -29.28 -15.38 8.22
CA ALA A 483 -30.36 -15.65 7.33
C ALA A 483 -30.24 -14.76 6.06
N VAL A 484 -30.36 -15.35 4.88
CA VAL A 484 -30.23 -14.60 3.62
C VAL A 484 -31.32 -14.95 2.70
N ASP A 485 -31.47 -14.14 1.62
CA ASP A 485 -32.54 -14.31 0.64
C ASP A 485 -31.88 -14.63 -0.69
N VAL A 486 -31.90 -15.90 -1.10
CA VAL A 486 -31.21 -16.36 -2.30
C VAL A 486 -32.35 -16.85 -3.14
N PRO A 487 -32.40 -16.47 -4.42
CA PRO A 487 -33.42 -17.05 -5.29
C PRO A 487 -33.38 -18.61 -5.23
N ASP A 488 -34.54 -19.25 -5.24
CA ASP A 488 -34.63 -20.71 -5.28
C ASP A 488 -33.68 -21.33 -6.35
N ASP A 489 -33.68 -20.74 -7.56
CA ASP A 489 -32.92 -21.31 -8.62
C ASP A 489 -31.41 -21.14 -8.47
N LYS A 490 -30.90 -20.50 -7.43
CA LYS A 490 -29.53 -20.39 -7.18
C LYS A 490 -29.07 -21.13 -5.89
N LYS A 491 -30.01 -21.61 -5.13
CA LYS A 491 -29.64 -22.14 -3.80
C LYS A 491 -28.70 -23.33 -3.90
N LEU A 492 -29.05 -24.28 -4.78
CA LEU A 492 -28.26 -25.51 -4.88
C LEU A 492 -26.89 -25.28 -5.50
N LEU A 493 -26.64 -24.08 -6.06
CA LEU A 493 -25.23 -23.74 -6.47
C LEU A 493 -24.26 -23.82 -5.31
N SER A 494 -24.76 -23.71 -4.09
CA SER A 494 -23.89 -23.88 -3.03
C SER A 494 -23.22 -25.25 -3.00
N ILE A 495 -23.88 -26.27 -3.47
CA ILE A 495 -23.20 -27.53 -3.62
C ILE A 495 -22.57 -27.63 -5.03
N PHE A 496 -23.33 -27.36 -6.06
CA PHE A 496 -22.82 -27.54 -7.42
C PHE A 496 -21.58 -26.76 -7.70
N THR A 497 -21.55 -25.49 -7.26
CA THR A 497 -20.34 -24.66 -7.52
C THR A 497 -19.27 -25.01 -6.55
N ASP A 498 -19.55 -24.84 -5.25
CA ASP A 498 -18.46 -24.89 -4.28
CA ASP A 498 -18.47 -24.89 -4.27
C ASP A 498 -17.93 -26.29 -4.08
N VAL A 499 -18.76 -27.32 -4.18
CA VAL A 499 -18.27 -28.64 -4.01
C VAL A 499 -17.88 -29.27 -5.39
N PHE A 500 -18.84 -29.30 -6.33
CA PHE A 500 -18.63 -30.05 -7.56
C PHE A 500 -17.61 -29.29 -8.45
N ASP A 501 -17.96 -28.09 -8.85
CA ASP A 501 -17.16 -27.42 -9.84
C ASP A 501 -15.87 -26.86 -9.30
N CYS A 502 -15.83 -26.55 -7.97
CA CYS A 502 -14.62 -25.95 -7.41
C CYS A 502 -13.76 -26.90 -6.65
N PHE A 503 -14.16 -28.17 -6.50
CA PHE A 503 -13.29 -29.06 -5.71
C PHE A 503 -13.29 -30.46 -6.34
N PHE A 504 -14.45 -31.07 -6.47
CA PHE A 504 -14.48 -32.42 -7.02
C PHE A 504 -13.96 -32.43 -8.47
N ARG A 505 -14.28 -31.41 -9.24
CA ARG A 505 -13.77 -31.32 -10.62
C ARG A 505 -12.27 -31.69 -10.66
N PHE A 506 -11.50 -31.12 -9.73
CA PHE A 506 -10.07 -31.29 -9.66
C PHE A 506 -9.69 -32.64 -9.08
N LEU A 507 -10.36 -32.99 -8.00
CA LEU A 507 -10.10 -34.27 -7.38
C LEU A 507 -10.29 -35.47 -8.33
N ALA A 508 -11.43 -35.47 -9.01
CA ALA A 508 -11.78 -36.48 -9.94
C ALA A 508 -10.75 -36.50 -11.15
N ALA A 509 -10.43 -35.31 -11.62
CA ALA A 509 -9.44 -35.17 -12.72
C ALA A 509 -8.10 -35.69 -12.33
N ASN A 510 -7.65 -35.37 -11.11
CA ASN A 510 -6.36 -35.77 -10.63
C ASN A 510 -6.25 -37.30 -10.50
N LEU A 511 -7.27 -37.90 -9.92
CA LEU A 511 -7.34 -39.30 -9.77
C LEU A 511 -7.40 -40.04 -11.07
N ALA A 512 -8.13 -39.51 -12.04
CA ALA A 512 -8.27 -40.18 -13.32
C ALA A 512 -6.97 -40.08 -14.13
N GLU A 513 -6.36 -38.90 -14.12
CA GLU A 513 -5.16 -38.67 -14.97
C GLU A 513 -4.03 -39.57 -14.46
N GLU A 514 -3.98 -39.80 -13.13
CA GLU A 514 -2.98 -40.69 -12.54
C GLU A 514 -3.31 -42.15 -12.69
N GLY A 515 -4.44 -42.49 -13.26
CA GLY A 515 -4.76 -43.93 -13.51
C GLY A 515 -5.31 -44.66 -12.29
N ILE A 516 -5.76 -43.91 -11.28
CA ILE A 516 -6.20 -44.45 -10.01
C ILE A 516 -7.65 -44.87 -10.06
N VAL A 517 -8.51 -44.00 -10.57
CA VAL A 517 -9.90 -44.37 -10.67
C VAL A 517 -10.54 -43.50 -11.75
N THR A 518 -11.40 -44.05 -12.56
CA THR A 518 -12.09 -43.30 -13.60
C THR A 518 -13.06 -42.22 -13.04
N GLU A 519 -13.23 -41.18 -13.85
CA GLU A 519 -14.22 -40.16 -13.52
C GLU A 519 -15.53 -40.89 -13.34
N ASP A 520 -15.81 -41.85 -14.20
CA ASP A 520 -17.10 -42.56 -14.16
C ASP A 520 -17.38 -43.13 -12.75
N ALA A 521 -16.38 -43.79 -12.19
CA ALA A 521 -16.56 -44.36 -10.88
C ALA A 521 -16.54 -43.34 -9.80
N PHE A 522 -15.75 -42.29 -10.00
CA PHE A 522 -15.78 -41.18 -8.99
C PHE A 522 -17.22 -40.67 -8.86
N TRP A 523 -17.80 -40.30 -9.97
CA TRP A 523 -19.11 -39.74 -9.96
C TRP A 523 -20.25 -40.74 -9.64
N ARG A 524 -20.02 -41.97 -10.00
CA ARG A 524 -20.90 -43.04 -9.51
C ARG A 524 -20.89 -43.07 -7.95
N THR A 525 -19.72 -42.93 -7.35
CA THR A 525 -19.61 -42.94 -5.93
C THR A 525 -20.33 -41.71 -5.30
N VAL A 526 -20.11 -40.58 -5.90
CA VAL A 526 -20.84 -39.38 -5.48
C VAL A 526 -22.35 -39.60 -5.55
N ALA A 527 -22.78 -40.12 -6.64
CA ALA A 527 -24.17 -40.40 -6.86
C ALA A 527 -24.74 -41.41 -5.83
N GLU A 528 -24.03 -42.51 -5.63
CA GLU A 528 -24.47 -43.52 -4.67
C GLU A 528 -24.61 -42.93 -3.24
N VAL A 529 -23.60 -42.13 -2.82
CA VAL A 529 -23.60 -41.55 -1.52
C VAL A 529 -24.82 -40.61 -1.42
N THR A 530 -25.06 -39.88 -2.48
CA THR A 530 -26.22 -38.94 -2.51
C THR A 530 -27.52 -39.67 -2.38
N ARG A 531 -27.68 -40.70 -3.20
CA ARG A 531 -28.91 -41.49 -3.14
C ARG A 531 -29.10 -42.13 -1.80
N GLU A 532 -28.05 -42.66 -1.26
CA GLU A 532 -28.17 -43.37 0.05
C GLU A 532 -28.57 -42.38 1.15
N TYR A 533 -28.03 -41.19 1.09
CA TYR A 533 -28.41 -40.13 2.02
C TYR A 533 -29.90 -39.83 1.78
N GLN A 534 -30.32 -39.58 0.55
CA GLN A 534 -31.67 -39.16 0.35
C GLN A 534 -32.72 -40.28 0.72
N GLU A 535 -32.31 -41.52 0.47
CA GLU A 535 -33.14 -42.71 0.87
C GLU A 535 -33.33 -42.79 2.39
N SER A 536 -32.29 -42.39 3.12
CA SER A 536 -32.32 -42.36 4.57
C SER A 536 -33.17 -41.29 5.19
N VAL A 537 -33.63 -40.29 4.41
CA VAL A 537 -34.43 -39.15 4.94
C VAL A 537 -35.62 -38.95 4.01
N PRO A 538 -36.52 -39.92 3.96
CA PRO A 538 -37.66 -39.78 3.05
C PRO A 538 -38.62 -38.67 3.43
N GLU A 539 -38.55 -38.16 4.66
CA GLU A 539 -39.38 -37.00 5.04
C GLU A 539 -39.01 -35.74 4.20
N LEU A 540 -37.83 -35.73 3.59
CA LEU A 540 -37.38 -34.57 2.81
C LEU A 540 -37.54 -34.82 1.30
N ALA A 541 -38.25 -35.88 0.92
CA ALA A 541 -38.32 -36.29 -0.51
C ALA A 541 -38.85 -35.15 -1.43
N ASP A 542 -39.81 -34.35 -0.93
CA ASP A 542 -40.31 -33.27 -1.76
C ASP A 542 -39.26 -32.23 -2.00
N LYS A 543 -38.44 -31.94 -0.99
CA LYS A 543 -37.39 -31.00 -1.16
C LYS A 543 -36.31 -31.52 -2.07
N PHE A 544 -36.00 -32.82 -1.95
CA PHE A 544 -35.02 -33.46 -2.84
C PHE A 544 -35.48 -33.34 -4.31
N GLU A 545 -36.79 -33.34 -4.56
CA GLU A 545 -37.31 -33.25 -5.89
C GLU A 545 -37.24 -31.80 -6.35
N ARG A 546 -37.53 -30.85 -5.46
CA ARG A 546 -37.53 -29.44 -5.81
C ARG A 546 -36.14 -28.94 -6.14
N TYR A 547 -35.12 -29.33 -5.35
CA TYR A 547 -33.79 -28.96 -5.54
C TYR A 547 -33.02 -30.26 -5.88
N ASP A 548 -32.96 -30.52 -7.17
CA ASP A 548 -32.59 -31.80 -7.70
C ASP A 548 -31.09 -31.86 -7.91
N MET A 549 -30.40 -32.60 -7.03
CA MET A 549 -29.01 -32.94 -7.21
C MET A 549 -28.67 -33.65 -8.51
N PHE A 550 -29.65 -34.26 -9.14
CA PHE A 550 -29.45 -35.05 -10.34
C PHE A 550 -30.01 -34.29 -11.58
N ALA A 551 -30.19 -32.98 -11.49
CA ALA A 551 -30.72 -32.23 -12.60
C ALA A 551 -29.72 -32.36 -13.79
N PRO A 552 -30.19 -32.25 -15.02
CA PRO A 552 -29.25 -32.47 -16.10
C PRO A 552 -28.08 -31.44 -16.18
N GLU A 553 -28.33 -30.21 -15.74
CA GLU A 553 -27.35 -29.11 -15.84
C GLU A 553 -27.47 -28.21 -14.66
N PHE A 554 -26.44 -27.41 -14.45
CA PHE A 554 -26.50 -26.32 -13.49
C PHE A 554 -25.64 -25.21 -14.00
N ALA A 555 -25.82 -24.01 -13.46
CA ALA A 555 -25.07 -22.87 -13.97
C ALA A 555 -23.59 -23.02 -13.71
N LEU A 556 -22.82 -22.60 -14.71
CA LEU A 556 -21.41 -22.36 -14.56
C LEU A 556 -21.21 -20.97 -13.85
N SER A 557 -20.60 -21.06 -12.70
CA SER A 557 -20.28 -19.91 -11.90
C SER A 557 -18.80 -19.70 -11.94
N CYS A 558 -18.37 -18.58 -12.47
CA CYS A 558 -17.00 -18.38 -12.78
C CYS A 558 -16.29 -17.60 -11.72
N LEU A 559 -15.14 -18.06 -11.28
CA LEU A 559 -14.41 -17.46 -10.18
C LEU A 559 -13.41 -16.47 -10.61
N ASN A 560 -12.54 -16.83 -11.59
CA ASN A 560 -11.58 -15.85 -12.09
C ASN A 560 -12.30 -14.64 -12.61
N ARG A 561 -13.49 -14.78 -13.26
CA ARG A 561 -14.21 -13.64 -13.73
C ARG A 561 -14.49 -12.57 -12.67
N LEU A 562 -14.71 -12.99 -11.48
CA LEU A 562 -14.94 -12.06 -10.35
C LEU A 562 -13.69 -11.16 -10.11
N GLN A 563 -12.54 -11.80 -10.10
CA GLN A 563 -11.28 -11.09 -9.84
C GLN A 563 -10.76 -10.26 -11.00
N LEU A 564 -11.00 -10.70 -12.21
CA LEU A 564 -10.67 -9.95 -13.35
C LEU A 564 -11.49 -8.68 -13.46
N ARG A 565 -12.75 -8.74 -13.02
CA ARG A 565 -13.66 -7.60 -13.08
C ARG A 565 -13.22 -6.57 -11.99
N ASP A 566 -12.72 -7.04 -10.87
CA ASP A 566 -12.48 -6.14 -9.75
C ASP A 566 -11.59 -6.93 -8.82
N ASN A 567 -10.31 -6.60 -8.85
CA ASN A 567 -9.33 -7.47 -8.05
C ASN A 567 -9.03 -6.88 -6.64
N ARG A 568 -9.68 -5.76 -6.26
CA ARG A 568 -9.53 -5.00 -4.99
C ARG A 568 -10.72 -5.31 -4.06
N GLN A 569 -11.96 -5.13 -4.56
CA GLN A 569 -13.13 -5.61 -3.77
C GLN A 569 -13.90 -6.35 -4.80
N MET A 570 -13.63 -7.61 -4.83
CA MET A 570 -14.19 -8.46 -5.86
C MET A 570 -15.68 -8.70 -5.68
N VAL A 571 -16.10 -8.70 -4.41
CA VAL A 571 -17.50 -8.69 -4.03
C VAL A 571 -17.81 -7.32 -3.30
N ASP A 572 -18.82 -6.60 -3.78
CA ASP A 572 -19.43 -5.51 -3.01
C ASP A 572 -20.20 -6.11 -1.79
N LEU A 573 -19.69 -5.93 -0.54
CA LEU A 573 -20.40 -6.49 0.68
C LEU A 573 -21.82 -5.86 0.88
N ALA A 574 -22.02 -4.62 0.41
CA ALA A 574 -23.43 -3.97 0.30
C ALA A 574 -24.42 -4.66 -0.68
N ASP A 575 -23.95 -5.70 -1.42
CA ASP A 575 -24.79 -6.39 -2.39
C ASP A 575 -24.00 -7.67 -2.80
N PRO A 576 -23.75 -8.62 -1.85
CA PRO A 576 -22.85 -9.76 -2.24
C PRO A 576 -23.30 -10.68 -3.46
N SER A 577 -24.58 -10.84 -3.72
CA SER A 577 -25.03 -11.69 -4.89
C SER A 577 -24.95 -10.92 -6.24
N GLY A 578 -24.76 -9.58 -6.22
CA GLY A 578 -24.52 -8.78 -7.45
C GLY A 578 -23.20 -9.05 -8.16
N ALA A 579 -22.24 -9.72 -7.47
CA ALA A 579 -20.96 -10.09 -7.99
C ALA A 579 -21.02 -11.44 -8.86
N LEU A 580 -21.99 -12.31 -8.59
CA LEU A 580 -21.98 -13.67 -9.14
C LEU A 580 -21.84 -13.65 -10.70
N GLN A 581 -20.99 -14.49 -11.29
CA GLN A 581 -20.83 -14.45 -12.74
C GLN A 581 -21.19 -15.82 -13.33
N LEU A 582 -22.47 -15.94 -13.64
CA LEU A 582 -22.99 -17.13 -14.19
C LEU A 582 -22.91 -17.03 -15.74
N VAL A 583 -22.34 -18.04 -16.39
CA VAL A 583 -22.10 -17.97 -17.80
C VAL A 583 -22.51 -19.31 -18.38
N GLY A 584 -23.75 -19.44 -18.74
CA GLY A 584 -24.22 -20.69 -19.29
C GLY A 584 -24.22 -21.81 -18.22
N THR A 585 -24.17 -23.06 -18.69
CA THR A 585 -24.38 -24.23 -17.81
C THR A 585 -23.29 -25.26 -18.02
N LEU A 586 -23.15 -26.11 -17.04
CA LEU A 586 -22.35 -27.30 -17.13
C LEU A 586 -23.26 -28.52 -17.13
N LYS A 587 -22.77 -29.59 -17.73
CA LYS A 587 -23.53 -30.86 -17.64
C LYS A 587 -23.24 -31.43 -16.25
N ASN A 588 -24.27 -31.75 -15.48
CA ASN A 588 -24.06 -32.31 -14.14
C ASN A 588 -23.61 -33.76 -14.27
N PRO A 589 -22.50 -34.16 -13.65
CA PRO A 589 -22.05 -35.50 -13.74
C PRO A 589 -22.97 -36.47 -13.04
N LEU A 590 -23.86 -35.92 -12.18
CA LEU A 590 -24.89 -36.70 -11.56
C LEU A 590 -26.14 -36.90 -12.42
N ALA A 591 -26.23 -36.26 -13.59
CA ALA A 591 -27.36 -36.41 -14.44
C ALA A 591 -27.54 -37.88 -14.81
N GLY A 592 -28.76 -38.33 -14.75
CA GLY A 592 -29.05 -39.72 -15.14
C GLY A 592 -28.77 -40.68 -13.95
N ARG A 593 -28.24 -40.20 -12.83
CA ARG A 593 -27.90 -41.11 -11.74
C ARG A 593 -28.84 -41.05 -10.50
N GLY A 594 -29.99 -40.43 -10.64
CA GLY A 594 -30.95 -40.44 -9.56
C GLY A 594 -31.85 -41.72 -9.59
N ALA B 2 8.26 -1.51 21.67
CA ALA B 2 7.94 -0.26 22.42
C ALA B 2 8.76 0.90 22.10
N ASP B 3 10.04 0.67 21.77
CA ASP B 3 10.87 1.73 21.42
C ASP B 3 10.32 2.51 20.15
N ALA B 4 9.80 1.74 19.21
CA ALA B 4 9.40 2.37 17.94
C ALA B 4 8.27 3.35 18.08
N VAL B 5 7.42 3.19 19.09
CA VAL B 5 6.30 4.05 19.33
C VAL B 5 6.47 4.97 20.55
N ALA B 6 7.72 5.07 21.05
CA ALA B 6 7.95 5.80 22.29
C ALA B 6 7.62 7.27 22.15
N HIS B 7 7.71 7.81 20.94
CA HIS B 7 7.32 9.16 20.65
C HIS B 7 5.82 9.44 20.75
N LEU B 8 5.04 8.39 20.61
CA LEU B 8 3.57 8.54 20.66
C LEU B 8 3.03 8.46 22.10
N THR B 9 2.96 9.63 22.75
CA THR B 9 2.49 9.72 24.14
C THR B 9 1.38 10.76 24.15
N PRO B 10 0.61 10.73 25.22
CA PRO B 10 -0.54 11.63 25.25
C PRO B 10 -0.17 13.10 25.19
N GLU B 11 0.91 13.46 25.90
CA GLU B 11 1.35 14.89 25.93
C GLU B 11 1.91 15.36 24.61
N ARG B 12 2.71 14.51 23.94
CA ARG B 12 3.18 14.92 22.65
C ARG B 12 2.00 14.95 21.62
N TRP B 13 1.14 14.01 21.71
CA TRP B 13 0.00 13.96 20.75
C TRP B 13 -0.88 15.22 20.97
N GLU B 14 -1.07 15.63 22.23
CA GLU B 14 -1.85 16.77 22.50
C GLU B 14 -1.20 17.98 21.84
N GLU B 15 0.08 18.14 22.03
CA GLU B 15 0.79 19.29 21.41
C GLU B 15 0.71 19.21 19.88
N ALA B 16 0.97 18.02 19.32
CA ALA B 16 0.90 17.85 17.88
C ALA B 16 -0.45 18.29 17.33
N ASN B 17 -1.46 17.89 18.01
CA ASN B 17 -2.85 18.23 17.62
C ASN B 17 -3.12 19.72 17.68
N ARG B 18 -2.69 20.34 18.75
CA ARG B 18 -2.82 21.74 18.85
C ARG B 18 -2.13 22.50 17.72
N LEU B 19 -0.90 22.10 17.41
CA LEU B 19 -0.20 22.69 16.33
C LEU B 19 -0.93 22.52 15.01
N LEU B 20 -1.43 21.32 14.80
CA LEU B 20 -2.03 21.03 13.44
C LEU B 20 -3.37 21.75 13.33
N VAL B 21 -4.17 21.76 14.39
CA VAL B 21 -5.44 22.46 14.33
C VAL B 21 -5.18 23.99 14.13
N ARG B 22 -4.18 24.53 14.79
CA ARG B 22 -3.84 25.92 14.61
C ARG B 22 -3.59 26.24 13.10
N LYS B 23 -2.79 25.38 12.50
CA LYS B 23 -2.48 25.51 11.10
C LYS B 23 -3.71 25.32 10.20
N ALA B 24 -4.50 24.34 10.50
CA ALA B 24 -5.72 24.12 9.78
C ALA B 24 -6.64 25.36 9.78
N LEU B 25 -6.85 25.92 10.96
CA LEU B 25 -7.63 27.08 11.04
C LEU B 25 -6.99 28.23 10.21
N ALA B 26 -5.69 28.39 10.30
CA ALA B 26 -5.06 29.47 9.62
C ALA B 26 -5.16 29.28 8.12
N GLU B 27 -4.75 28.09 7.62
CA GLU B 27 -4.60 27.94 6.24
C GLU B 27 -5.92 27.68 5.51
N PHE B 28 -6.83 26.99 6.14
CA PHE B 28 -8.10 26.82 5.51
C PHE B 28 -8.89 28.12 5.51
N THR B 29 -8.59 29.02 6.45
CA THR B 29 -9.12 30.37 6.35
C THR B 29 -8.54 31.15 5.17
N HIS B 30 -7.20 31.05 5.08
CA HIS B 30 -6.50 31.71 3.96
C HIS B 30 -7.14 31.33 2.61
N GLU B 31 -7.46 30.01 2.50
CA GLU B 31 -8.06 29.42 1.30
C GLU B 31 -9.55 29.62 1.20
N ARG B 32 -10.13 30.31 2.16
CA ARG B 32 -11.51 30.70 2.15
C ARG B 32 -12.48 29.53 2.27
N LEU B 33 -12.00 28.42 2.74
CA LEU B 33 -12.90 27.31 3.10
C LEU B 33 -13.60 27.60 4.39
N LEU B 34 -12.84 28.17 5.30
CA LEU B 34 -13.35 28.68 6.59
C LEU B 34 -13.54 30.20 6.52
N THR B 35 -14.51 30.70 7.26
CA THR B 35 -14.77 32.14 7.38
C THR B 35 -15.05 32.45 8.82
N PRO B 36 -13.99 32.62 9.62
CA PRO B 36 -14.14 32.86 11.05
C PRO B 36 -14.97 34.11 11.29
N GLU B 37 -15.81 34.03 12.31
CA GLU B 37 -16.70 35.11 12.70
C GLU B 37 -16.00 35.79 13.86
N ARG B 38 -15.95 37.12 13.76
CA ARG B 38 -15.39 37.87 14.81
C ARG B 38 -16.36 37.91 15.95
N GLU B 39 -15.90 37.54 17.15
CA GLU B 39 -16.72 37.69 18.38
C GLU B 39 -16.47 39.08 19.03
N PRO B 40 -17.45 39.57 19.86
CA PRO B 40 -17.18 40.86 20.55
C PRO B 40 -16.04 40.75 21.64
N ASP B 41 -15.47 41.88 22.10
CA ASP B 41 -14.05 41.92 22.65
C ASP B 41 -13.72 41.18 24.01
N ASP B 42 -12.84 40.15 23.91
CA ASP B 42 -12.53 39.26 25.08
C ASP B 42 -11.43 39.88 25.95
N GLY B 43 -10.19 39.87 25.45
CA GLY B 43 -9.10 40.69 25.97
C GLY B 43 -8.89 41.77 24.92
N GLY B 44 -9.70 42.84 24.97
CA GLY B 44 -9.66 43.96 23.98
C GLY B 44 -9.91 43.60 22.49
N GLY B 45 -10.57 42.45 22.26
CA GLY B 45 -10.94 41.97 20.88
C GLY B 45 -10.20 40.73 20.43
N GLN B 46 -10.03 40.61 19.08
CA GLN B 46 -9.01 39.82 18.35
C GLN B 46 -9.35 38.27 18.41
N THR B 47 -10.57 37.96 18.89
CA THR B 47 -11.16 36.55 19.00
C THR B 47 -12.24 36.17 17.95
N TYR B 48 -12.08 34.97 17.39
CA TYR B 48 -12.87 34.45 16.31
C TYR B 48 -13.47 33.11 16.68
N VAL B 49 -14.49 32.75 15.93
CA VAL B 49 -15.06 31.44 16.05
C VAL B 49 -15.26 30.82 14.67
N VAL B 50 -15.02 29.50 14.60
CA VAL B 50 -15.36 28.70 13.44
C VAL B 50 -16.18 27.54 14.01
N ARG B 51 -17.38 27.35 13.48
CA ARG B 51 -18.25 26.24 13.83
C ARG B 51 -18.20 25.06 12.92
N SER B 52 -18.44 23.87 13.47
CA SER B 52 -18.52 22.61 12.74
C SER B 52 -19.64 22.69 11.63
N ASP B 53 -19.61 21.80 10.68
CA ASP B 53 -20.69 21.68 9.67
C ASP B 53 -22.05 21.76 10.28
N ASP B 54 -22.26 21.04 11.40
CA ASP B 54 -23.58 20.94 12.02
C ASP B 54 -23.85 22.04 13.06
N GLY B 55 -22.83 22.93 13.25
CA GLY B 55 -22.97 24.15 14.10
C GLY B 55 -22.84 23.93 15.65
N GLN B 56 -22.67 22.67 16.03
CA GLN B 56 -22.72 22.25 17.42
C GLN B 56 -21.38 22.36 18.08
N THR B 57 -20.33 22.30 17.29
CA THR B 57 -19.01 22.42 17.90
C THR B 57 -18.34 23.74 17.42
N ALA B 58 -17.73 24.46 18.32
CA ALA B 58 -17.18 25.80 18.08
C ALA B 58 -15.66 25.73 18.42
N TYR B 59 -14.85 26.22 17.49
CA TYR B 59 -13.45 26.38 17.58
C TYR B 59 -13.17 27.89 17.72
N ARG B 60 -12.69 28.31 18.88
CA ARG B 60 -12.46 29.74 19.17
C ARG B 60 -10.98 29.94 19.27
N PHE B 61 -10.54 31.13 18.84
CA PHE B 61 -9.11 31.42 18.82
C PHE B 61 -8.92 32.89 18.68
N THR B 62 -7.69 33.31 18.91
CA THR B 62 -7.21 34.62 18.58
C THR B 62 -6.32 34.54 17.36
N ALA B 63 -6.27 35.65 16.65
CA ALA B 63 -5.44 35.74 15.49
C ALA B 63 -5.15 37.16 15.12
N THR B 64 -4.02 37.34 14.49
CA THR B 64 -3.62 38.59 13.85
C THR B 64 -3.68 38.36 12.35
N VAL B 65 -4.36 39.17 11.60
CA VAL B 65 -4.48 38.95 10.16
C VAL B 65 -3.48 39.89 9.45
N ARG B 66 -2.58 39.31 8.69
CA ARG B 66 -1.49 40.03 8.03
C ARG B 66 -1.73 40.04 6.56
N ALA B 67 -0.84 40.70 5.84
CA ALA B 67 -0.98 40.81 4.37
C ALA B 67 -1.10 39.47 3.69
N LEU B 68 -1.73 39.50 2.50
CA LEU B 68 -2.07 38.31 1.75
C LEU B 68 -3.03 37.42 2.55
N ASP B 69 -3.95 38.06 3.27
CA ASP B 69 -4.97 37.32 4.02
CA ASP B 69 -4.97 37.40 4.07
C ASP B 69 -4.35 36.21 4.81
N HIS B 70 -3.33 36.54 5.56
CA HIS B 70 -2.57 35.57 6.34
C HIS B 70 -3.01 35.54 7.81
N TRP B 71 -3.55 34.47 8.24
CA TRP B 71 -4.09 34.37 9.52
C TRP B 71 -3.13 33.78 10.51
N GLN B 72 -2.57 34.62 11.38
CA GLN B 72 -1.62 34.11 12.38
C GLN B 72 -2.39 33.70 13.58
N VAL B 73 -2.96 32.51 13.46
CA VAL B 73 -3.79 31.95 14.55
C VAL B 73 -2.83 31.59 15.67
N ASP B 74 -3.20 32.01 16.88
N ASP B 74 -3.18 32.02 16.88
CA ASP B 74 -2.38 31.75 18.06
CA ASP B 74 -2.33 31.77 18.04
C ASP B 74 -2.64 30.33 18.58
C ASP B 74 -2.61 30.37 18.58
N ALA B 75 -1.63 29.49 18.58
CA ALA B 75 -1.84 28.07 18.95
C ALA B 75 -2.37 27.90 20.36
N ALA B 76 -1.88 28.73 21.27
CA ALA B 76 -2.33 28.56 22.70
C ALA B 76 -3.76 28.99 22.93
N SER B 77 -4.30 29.80 22.04
CA SER B 77 -5.68 30.31 22.22
C SER B 77 -6.75 29.35 21.74
N VAL B 78 -6.38 28.35 20.97
CA VAL B 78 -7.40 27.56 20.33
C VAL B 78 -8.16 26.72 21.32
N THR B 79 -9.47 26.86 21.35
CA THR B 79 -10.33 26.06 22.22
C THR B 79 -11.50 25.47 21.43
N ARG B 80 -12.08 24.39 21.93
CA ARG B 80 -13.15 23.71 21.24
C ARG B 80 -14.27 23.52 22.25
N HIS B 81 -15.47 23.87 21.87
CA HIS B 81 -16.59 23.82 22.76
C HIS B 81 -17.79 23.21 22.11
N ARG B 82 -18.59 22.53 22.91
CA ARG B 82 -19.85 22.04 22.45
C ARG B 82 -20.74 21.90 23.73
N ASP B 83 -21.94 22.38 23.66
CA ASP B 83 -22.91 22.24 24.73
C ASP B 83 -22.49 22.94 25.99
N GLY B 84 -21.96 24.12 25.87
CA GLY B 84 -21.44 24.87 27.00
C GLY B 84 -20.07 24.34 27.52
N ALA B 85 -19.57 23.21 27.03
CA ALA B 85 -18.42 22.52 27.64
C ALA B 85 -17.21 22.47 26.66
N GLU B 86 -16.03 22.44 27.26
CA GLU B 86 -14.79 22.40 26.55
C GLU B 86 -14.45 20.98 26.21
N LEU B 87 -13.89 20.76 25.01
CA LEU B 87 -13.42 19.45 24.60
C LEU B 87 -11.95 19.50 24.23
N PRO B 88 -11.29 18.34 24.21
CA PRO B 88 -9.90 18.40 23.83
C PRO B 88 -9.80 18.70 22.34
N LEU B 89 -8.70 19.33 22.00
CA LEU B 89 -8.41 19.61 20.63
C LEU B 89 -7.92 18.41 19.92
N ALA B 90 -8.67 17.94 18.91
CA ALA B 90 -8.33 16.66 18.27
C ALA B 90 -8.45 16.91 16.75
N ALA B 91 -7.38 16.76 16.06
CA ALA B 91 -7.35 17.00 14.67
C ALA B 91 -8.30 16.08 13.88
N LEU B 92 -8.38 14.80 14.28
CA LEU B 92 -9.29 13.93 13.52
C LEU B 92 -10.69 14.40 13.60
N ASP B 93 -11.17 14.72 14.83
CA ASP B 93 -12.48 15.20 15.04
C ASP B 93 -12.72 16.53 14.27
N PHE B 94 -11.73 17.36 14.21
CA PHE B 94 -11.84 18.63 13.46
C PHE B 94 -12.19 18.38 12.00
N PHE B 95 -11.52 17.47 11.41
CA PHE B 95 -11.78 17.13 9.98
C PHE B 95 -13.10 16.42 9.76
N ILE B 96 -13.49 15.57 10.69
CA ILE B 96 -14.77 14.96 10.58
C ILE B 96 -15.86 16.00 10.76
N GLU B 97 -15.74 16.86 11.78
CA GLU B 97 -16.75 17.87 12.02
C GLU B 97 -16.91 18.86 10.87
N LEU B 98 -15.82 19.13 10.16
CA LEU B 98 -15.81 20.18 9.10
C LEU B 98 -15.74 19.55 7.73
N LYS B 99 -16.08 18.28 7.60
CA LYS B 99 -15.79 17.56 6.37
C LYS B 99 -16.52 18.24 5.11
N GLN B 100 -17.74 18.64 5.30
CA GLN B 100 -18.57 19.26 4.22
C GLN B 100 -18.01 20.68 3.95
N THR B 101 -17.69 21.41 4.99
CA THR B 101 -17.08 22.73 4.87
C THR B 101 -15.76 22.72 4.10
N LEU B 102 -14.91 21.75 4.38
CA LEU B 102 -13.69 21.59 3.78
C LEU B 102 -13.71 20.94 2.44
N GLY B 103 -14.84 20.40 2.05
CA GLY B 103 -14.98 19.71 0.80
C GLY B 103 -14.30 18.37 0.75
N LEU B 104 -14.28 17.67 1.87
CA LEU B 104 -13.70 16.31 1.90
C LEU B 104 -14.78 15.36 1.62
N SER B 105 -14.71 14.61 0.54
CA SER B 105 -15.78 13.67 0.21
C SER B 105 -15.67 12.44 1.09
N ASP B 106 -16.71 11.65 1.03
CA ASP B 106 -16.71 10.37 1.64
C ASP B 106 -15.61 9.49 1.23
N GLU B 107 -15.19 9.52 -0.02
CA GLU B 107 -14.13 8.72 -0.48
C GLU B 107 -12.72 9.13 0.09
N ILE B 108 -12.49 10.43 0.08
CA ILE B 108 -11.23 10.93 0.49
C ILE B 108 -11.04 10.97 2.04
N LEU B 109 -12.09 11.32 2.79
CA LEU B 109 -11.97 11.61 4.23
C LEU B 109 -11.12 10.58 4.98
N PRO B 110 -11.46 9.30 4.89
CA PRO B 110 -10.57 8.36 5.66
C PRO B 110 -9.15 8.26 5.29
N VAL B 111 -8.76 8.42 4.03
CA VAL B 111 -7.43 8.34 3.68
C VAL B 111 -6.70 9.63 4.12
N TYR B 112 -7.43 10.71 4.00
CA TYR B 112 -6.88 12.03 4.47
C TYR B 112 -6.67 11.97 6.04
N LEU B 113 -7.56 11.36 6.73
CA LEU B 113 -7.38 11.15 8.19
C LEU B 113 -6.11 10.30 8.49
N GLU B 114 -5.78 9.31 7.61
CA GLU B 114 -4.51 8.65 7.74
C GLU B 114 -3.36 9.51 7.58
N GLU B 115 -3.37 10.36 6.54
CA GLU B 115 -2.34 11.28 6.31
C GLU B 115 -2.16 12.24 7.51
N ILE B 116 -3.25 12.70 8.03
CA ILE B 116 -3.24 13.58 9.24
C ILE B 116 -2.62 12.81 10.42
N SER B 117 -3.06 11.58 10.60
CA SER B 117 -2.51 10.75 11.69
C SER B 117 -1.04 10.60 11.57
N SER B 118 -0.55 10.36 10.35
CA SER B 118 0.80 10.25 10.11
C SER B 118 1.60 11.51 10.33
N THR B 119 1.05 12.65 9.87
CA THR B 119 1.68 13.95 10.06
C THR B 119 1.80 14.18 11.54
N LEU B 120 0.74 13.92 12.29
CA LEU B 120 0.73 14.19 13.71
C LEU B 120 1.85 13.29 14.37
N SER B 121 1.92 12.05 13.95
CA SER B 121 2.95 11.11 14.45
CA SER B 121 2.89 11.10 14.45
C SER B 121 4.33 11.67 14.22
N GLY B 122 4.57 12.25 13.07
CA GLY B 122 5.79 12.91 12.74
C GLY B 122 6.08 14.08 13.64
N THR B 123 5.07 14.88 13.93
CA THR B 123 5.27 15.96 14.90
C THR B 123 5.67 15.37 16.26
N CYS B 124 5.02 14.30 16.69
CA CYS B 124 5.41 13.68 17.94
C CYS B 124 6.91 13.25 17.94
N TYR B 125 7.34 12.64 16.84
CA TYR B 125 8.75 12.24 16.74
C TYR B 125 9.64 13.48 16.85
N LYS B 126 9.28 14.54 16.13
CA LYS B 126 10.08 15.75 16.13
C LYS B 126 10.15 16.35 17.51
N LEU B 127 9.05 16.28 18.26
CA LEU B 127 9.03 16.80 19.62
C LEU B 127 9.96 16.04 20.54
N THR B 128 10.35 14.84 20.18
CA THR B 128 11.30 14.08 20.97
C THR B 128 12.73 14.40 20.76
N LYS B 129 13.02 15.01 19.64
CA LYS B 129 14.39 15.41 19.28
C LYS B 129 14.91 16.49 20.24
N PRO B 130 16.21 16.56 20.35
CA PRO B 130 16.75 17.67 21.15
C PRO B 130 16.24 18.99 20.57
N GLN B 131 15.79 19.89 21.41
CA GLN B 131 15.08 21.04 20.95
C GLN B 131 16.01 22.24 20.74
N LEU B 132 16.66 22.36 19.60
CA LEU B 132 17.62 23.40 19.27
C LEU B 132 16.96 24.71 18.94
N SER B 133 17.52 25.79 19.51
CA SER B 133 17.02 27.14 19.16
C SER B 133 17.44 27.48 17.75
N SER B 134 16.71 28.38 17.13
CA SER B 134 17.12 28.97 15.89
C SER B 134 18.47 29.58 15.93
N ALA B 135 18.82 30.24 17.00
CA ALA B 135 20.14 30.80 17.15
C ALA B 135 21.24 29.68 17.16
N GLU B 136 21.02 28.58 17.86
CA GLU B 136 22.01 27.52 17.83
C GLU B 136 22.17 26.93 16.49
N LEU B 137 21.04 26.73 15.84
CA LEU B 137 21.06 26.12 14.48
C LEU B 137 21.81 27.03 13.54
N ALA B 138 21.56 28.33 13.62
CA ALA B 138 22.28 29.29 12.82
C ALA B 138 23.73 29.35 13.17
N ARG B 139 24.13 29.27 14.40
CA ARG B 139 25.53 29.25 14.75
C ARG B 139 26.24 27.89 14.34
N SER B 140 25.51 26.78 14.16
CA SER B 140 26.17 25.48 13.88
C SER B 140 27.03 25.51 12.57
N GLY B 141 26.53 26.21 11.56
CA GLY B 141 27.04 26.14 10.18
C GLY B 141 26.90 24.77 9.50
N ASP B 142 26.01 23.94 10.07
CA ASP B 142 25.97 22.56 9.72
C ASP B 142 24.74 22.38 8.74
N PHE B 143 25.06 22.25 7.46
CA PHE B 143 24.09 22.17 6.38
C PHE B 143 23.01 21.12 6.72
N GLN B 144 23.49 19.93 7.11
CA GLN B 144 22.52 18.82 7.35
C GLN B 144 21.82 18.90 8.68
N ALA B 145 22.40 19.58 9.68
CA ALA B 145 21.69 19.84 10.94
C ALA B 145 20.50 20.72 10.62
N VAL B 146 20.68 21.70 9.73
CA VAL B 146 19.57 22.51 9.27
C VAL B 146 18.59 21.68 8.49
N GLU B 147 19.04 20.93 7.50
CA GLU B 147 18.17 20.19 6.64
C GLU B 147 17.26 19.26 7.43
N THR B 148 17.86 18.52 8.39
CA THR B 148 17.12 17.51 9.13
C THR B 148 16.43 18.08 10.36
N GLY B 149 16.74 19.33 10.64
CA GLY B 149 16.14 20.03 11.75
C GLY B 149 14.90 20.83 11.39
N MET B 150 14.50 20.87 10.12
CA MET B 150 13.31 21.49 9.79
C MET B 150 12.19 20.67 10.39
N THR B 151 11.13 21.36 10.76
CA THR B 151 9.98 20.77 11.45
C THR B 151 8.69 21.03 10.77
N GLU B 152 8.55 22.14 10.09
CA GLU B 152 7.19 22.44 9.58
C GLU B 152 6.77 21.57 8.41
N GLY B 153 7.67 21.38 7.44
CA GLY B 153 7.35 20.95 6.13
C GLY B 153 6.63 22.09 5.43
N HIS B 154 5.96 21.75 4.36
CA HIS B 154 5.40 22.75 3.52
C HIS B 154 4.53 23.67 4.37
N PRO B 155 4.68 24.95 4.21
CA PRO B 155 3.98 25.86 5.07
C PRO B 155 2.50 26.03 4.83
N CYS B 156 2.04 25.67 3.64
CA CYS B 156 0.65 25.76 3.34
C CYS B 156 -0.09 24.47 3.65
N PHE B 157 0.41 23.39 3.08
CA PHE B 157 -0.36 22.10 3.18
C PHE B 157 -0.39 21.69 4.65
N VAL B 158 -1.58 21.30 5.11
CA VAL B 158 -1.78 20.91 6.47
C VAL B 158 -1.38 19.42 6.63
N ALA B 159 -1.88 18.58 5.71
CA ALA B 159 -1.55 17.15 5.66
C ALA B 159 -0.28 16.97 4.89
N ASN B 160 0.79 17.51 5.42
CA ASN B 160 2.00 17.65 4.62
C ASN B 160 3.08 16.61 4.86
N ASN B 161 2.89 15.71 5.76
CA ASN B 161 4.01 14.76 6.16
C ASN B 161 3.41 13.32 6.30
N GLY B 162 2.53 12.95 5.43
CA GLY B 162 1.88 11.63 5.48
C GLY B 162 2.88 10.49 5.29
N ARG B 163 3.66 10.59 4.22
CA ARG B 163 4.61 9.44 3.87
C ARG B 163 3.91 8.09 4.02
N LEU B 164 2.76 8.01 3.38
CA LEU B 164 1.95 6.81 3.56
C LEU B 164 2.65 5.73 2.67
N GLY B 165 2.91 4.58 3.26
CA GLY B 165 3.67 3.48 2.67
C GLY B 165 4.77 3.12 3.65
N PHE B 166 5.23 4.07 4.50
CA PHE B 166 6.25 3.72 5.50
C PHE B 166 5.56 3.15 6.74
N GLY B 167 5.87 1.91 7.10
CA GLY B 167 5.51 1.45 8.41
C GLY B 167 6.32 2.24 9.44
N ILE B 168 6.00 2.10 10.72
CA ILE B 168 6.72 2.96 11.70
C ILE B 168 8.21 2.68 11.72
N HIS B 169 8.62 1.44 11.57
CA HIS B 169 10.04 1.10 11.48
C HIS B 169 10.70 1.78 10.28
N GLU B 170 9.92 1.93 9.18
CA GLU B 170 10.48 2.51 8.00
C GLU B 170 10.55 4.04 8.16
N TYR B 171 9.53 4.58 8.77
CA TYR B 171 9.58 5.99 9.15
C TYR B 171 10.89 6.28 9.93
N LEU B 172 11.13 5.47 10.93
CA LEU B 172 12.26 5.73 11.76
C LEU B 172 13.56 5.59 11.02
N SER B 173 13.60 4.76 10.01
CA SER B 173 14.81 4.57 9.20
C SER B 173 14.99 5.56 8.07
N TYR B 174 13.93 6.11 7.56
CA TYR B 174 13.96 6.79 6.31
C TYR B 174 13.43 8.24 6.27
N ALA B 175 12.70 8.65 7.25
CA ALA B 175 12.13 9.99 7.24
C ALA B 175 13.22 11.00 7.48
N PRO B 176 13.26 12.10 6.74
CA PRO B 176 14.37 13.05 6.85
C PRO B 176 14.64 13.63 8.23
N GLU B 177 13.57 13.84 8.98
CA GLU B 177 13.69 14.42 10.28
C GLU B 177 14.35 13.44 11.26
N THR B 178 14.46 12.15 10.94
CA THR B 178 15.21 11.23 11.82
C THR B 178 16.71 11.38 11.69
N ALA B 179 17.19 11.94 10.63
CA ALA B 179 18.61 12.01 10.33
C ALA B 179 19.28 10.66 10.32
N SER B 180 18.58 9.63 9.93
CA SER B 180 19.09 8.30 9.98
C SER B 180 19.92 8.02 8.78
N PRO B 181 21.13 7.49 8.95
CA PRO B 181 21.91 7.22 7.79
C PRO B 181 21.31 6.03 6.99
N VAL B 182 21.31 6.19 5.67
CA VAL B 182 20.77 5.23 4.73
C VAL B 182 21.88 4.80 3.80
N ARG B 183 22.00 3.48 3.61
CA ARG B 183 22.85 2.97 2.51
C ARG B 183 21.99 2.59 1.32
N LEU B 184 22.37 3.11 0.14
CA LEU B 184 21.59 2.78 -1.08
C LEU B 184 21.83 1.33 -1.48
N VAL B 185 20.84 0.74 -2.11
CA VAL B 185 20.96 -0.58 -2.66
C VAL B 185 21.28 -0.35 -4.15
N TRP B 186 22.23 -1.08 -4.69
CA TRP B 186 22.62 -0.93 -6.06
C TRP B 186 22.18 -2.14 -6.81
N LEU B 187 21.65 -1.89 -8.00
CA LEU B 187 21.23 -2.93 -8.93
C LEU B 187 22.00 -2.81 -10.20
N ALA B 188 22.19 -3.92 -10.85
CA ALA B 188 22.64 -3.96 -12.21
C ALA B 188 21.39 -4.14 -13.08
N ALA B 189 21.22 -3.26 -14.04
CA ALA B 189 20.08 -3.29 -14.93
C ALA B 189 20.52 -3.52 -16.33
N HIS B 190 19.86 -4.49 -16.95
CA HIS B 190 20.23 -4.90 -18.29
C HIS B 190 19.98 -3.81 -19.32
N ARG B 191 20.96 -3.63 -20.24
CA ARG B 191 20.91 -2.53 -21.21
C ARG B 191 19.78 -2.64 -22.19
N SER B 192 19.12 -3.81 -22.31
CA SER B 192 17.91 -3.84 -23.17
C SER B 192 16.79 -3.06 -22.53
N ARG B 193 16.83 -2.74 -21.23
CA ARG B 193 15.77 -2.06 -20.55
C ARG B 193 16.19 -0.74 -19.82
N ALA B 194 17.47 -0.57 -19.59
CA ALA B 194 17.95 0.54 -18.85
C ALA B 194 18.79 1.41 -19.79
N ALA B 195 18.76 2.70 -19.52
CA ALA B 195 19.55 3.63 -20.31
C ALA B 195 20.10 4.66 -19.32
N PHE B 196 21.41 4.93 -19.53
CA PHE B 196 22.09 6.02 -18.81
C PHE B 196 22.27 7.23 -19.68
N THR B 197 21.93 8.40 -19.16
CA THR B 197 22.06 9.63 -19.84
C THR B 197 23.02 10.53 -19.09
N ALA B 198 23.96 11.11 -19.82
CA ALA B 198 25.02 11.91 -19.22
C ALA B 198 24.91 13.35 -19.65
N GLY B 199 25.19 14.24 -18.73
CA GLY B 199 25.34 15.66 -19.08
C GLY B 199 26.70 15.89 -19.68
N VAL B 200 26.86 17.12 -20.09
CA VAL B 200 28.12 17.58 -20.64
C VAL B 200 29.28 17.26 -19.68
N GLY B 201 30.30 16.60 -20.18
CA GLY B 201 31.48 16.29 -19.41
C GLY B 201 31.35 15.06 -18.57
N ILE B 202 30.23 14.29 -18.70
CA ILE B 202 30.09 13.10 -17.89
C ILE B 202 30.31 11.90 -18.82
N GLU B 203 31.07 10.95 -18.38
CA GLU B 203 31.14 9.69 -19.09
C GLU B 203 30.83 8.57 -18.09
N TYR B 204 30.05 7.60 -18.49
CA TYR B 204 29.53 6.57 -17.55
C TYR B 204 30.60 5.86 -16.71
N GLU B 205 31.61 5.29 -17.35
CA GLU B 205 32.58 4.45 -16.61
C GLU B 205 33.33 5.26 -15.59
N SER B 206 33.73 6.43 -15.95
CA SER B 206 34.41 7.26 -14.97
C SER B 206 33.47 7.80 -13.89
N PHE B 207 32.26 8.12 -14.30
CA PHE B 207 31.27 8.59 -13.40
C PHE B 207 30.95 7.61 -12.27
N VAL B 208 30.67 6.37 -12.61
CA VAL B 208 30.29 5.44 -11.56
C VAL B 208 31.51 5.14 -10.66
N ARG B 209 32.69 5.16 -11.23
CA ARG B 209 33.92 4.99 -10.41
C ARG B 209 34.18 6.15 -9.49
N ASP B 210 33.90 7.34 -9.92
CA ASP B 210 33.98 8.53 -9.04
C ASP B 210 32.97 8.38 -7.86
N GLU B 211 31.76 7.92 -8.17
CA GLU B 211 30.72 7.90 -7.23
C GLU B 211 30.85 6.75 -6.24
N LEU B 212 31.16 5.57 -6.76
CA LEU B 212 31.23 4.38 -5.90
C LEU B 212 32.62 4.05 -5.47
N GLY B 213 33.62 4.55 -6.18
CA GLY B 213 34.96 4.03 -6.05
C GLY B 213 35.18 2.83 -6.92
N ALA B 214 36.45 2.74 -7.43
CA ALA B 214 36.82 1.61 -8.30
C ALA B 214 36.62 0.26 -7.59
N ALA B 215 36.93 0.19 -6.27
CA ALA B 215 36.86 -1.07 -5.55
C ALA B 215 35.39 -1.62 -5.59
N THR B 216 34.43 -0.77 -5.32
CA THR B 216 33.02 -1.17 -5.30
C THR B 216 32.52 -1.50 -6.71
N VAL B 217 32.86 -0.72 -7.69
CA VAL B 217 32.56 -1.12 -9.05
C VAL B 217 33.09 -2.51 -9.40
N ASP B 218 34.35 -2.79 -9.00
CA ASP B 218 34.90 -4.07 -9.21
C ASP B 218 34.14 -5.19 -8.49
N ARG B 219 33.81 -4.91 -7.24
CA ARG B 219 33.07 -5.88 -6.49
C ARG B 219 31.72 -6.20 -7.25
N PHE B 220 31.07 -5.11 -7.72
CA PHE B 220 29.82 -5.30 -8.44
C PHE B 220 29.99 -6.07 -9.73
N HIS B 221 31.07 -5.84 -10.44
CA HIS B 221 31.41 -6.62 -11.59
C HIS B 221 31.58 -8.08 -11.24
N GLY B 222 32.22 -8.31 -10.10
CA GLY B 222 32.44 -9.66 -9.57
C GLY B 222 31.14 -10.39 -9.22
N VAL B 223 30.16 -9.65 -8.67
CA VAL B 223 28.83 -10.22 -8.52
C VAL B 223 28.26 -10.69 -9.86
N LEU B 224 28.33 -9.86 -10.87
CA LEU B 224 27.82 -10.21 -12.20
C LEU B 224 28.51 -11.45 -12.78
N ARG B 225 29.83 -11.40 -12.75
CA ARG B 225 30.63 -12.49 -13.29
C ARG B 225 30.36 -13.79 -12.57
N GLY B 226 30.13 -13.69 -11.27
CA GLY B 226 29.88 -14.88 -10.46
C GLY B 226 28.56 -15.56 -10.83
N ARG B 227 27.65 -14.87 -11.46
CA ARG B 227 26.42 -15.43 -11.90
C ARG B 227 26.45 -15.66 -13.36
N GLY B 228 27.60 -15.63 -13.99
CA GLY B 228 27.73 -15.85 -15.42
C GLY B 228 27.26 -14.73 -16.32
N LEU B 229 27.21 -13.49 -15.83
CA LEU B 229 26.79 -12.34 -16.61
C LEU B 229 27.97 -11.44 -16.90
N ASP B 230 27.85 -10.73 -18.01
CA ASP B 230 28.81 -9.81 -18.48
C ASP B 230 28.44 -8.45 -18.00
N PRO B 231 29.34 -7.85 -17.24
CA PRO B 231 29.15 -6.44 -16.84
C PRO B 231 28.87 -5.46 -17.89
N ALA B 232 29.37 -5.74 -19.09
CA ALA B 232 29.18 -4.87 -20.24
C ALA B 232 27.69 -4.75 -20.59
N ASP B 233 26.86 -5.71 -20.19
CA ASP B 233 25.47 -5.77 -20.63
C ASP B 233 24.60 -5.01 -19.61
N TYR B 234 25.22 -4.43 -18.57
CA TYR B 234 24.45 -3.85 -17.46
C TYR B 234 24.86 -2.44 -17.15
N LEU B 235 23.92 -1.66 -16.59
CA LEU B 235 24.15 -0.36 -16.06
C LEU B 235 23.80 -0.32 -14.62
N LEU B 236 24.43 0.52 -13.84
CA LEU B 236 24.20 0.56 -12.41
C LEU B 236 23.08 1.54 -12.07
N ILE B 237 22.17 1.11 -11.19
CA ILE B 237 21.09 1.96 -10.75
C ILE B 237 21.00 1.87 -9.19
N PRO B 238 21.06 3.02 -8.53
CA PRO B 238 20.93 3.06 -7.09
C PRO B 238 19.42 3.19 -6.77
N VAL B 239 18.99 2.52 -5.71
CA VAL B 239 17.57 2.50 -5.35
C VAL B 239 17.46 2.77 -3.88
N HIS B 240 16.33 3.36 -3.54
CA HIS B 240 16.00 3.53 -2.14
C HIS B 240 15.70 2.14 -1.52
N PRO B 241 16.27 1.79 -0.38
CA PRO B 241 16.02 0.49 0.14
C PRO B 241 14.55 0.19 0.32
N TRP B 242 13.72 1.17 0.67
CA TRP B 242 12.30 0.86 0.79
C TRP B 242 11.78 0.40 -0.51
N GLN B 243 12.19 1.07 -1.58
CA GLN B 243 11.71 0.70 -2.94
C GLN B 243 12.12 -0.71 -3.31
N TRP B 244 13.35 -1.08 -2.96
CA TRP B 244 13.82 -2.41 -3.26
C TRP B 244 13.00 -3.49 -2.51
N TRP B 245 12.97 -3.36 -1.19
CA TRP B 245 12.36 -4.38 -0.37
C TRP B 245 10.83 -4.52 -0.51
N ASN B 246 10.19 -3.38 -0.76
CA ASN B 246 8.73 -3.32 -0.78
C ASN B 246 8.16 -3.33 -2.20
N LYS B 247 8.86 -2.89 -3.25
CA LYS B 247 8.27 -2.78 -4.54
C LYS B 247 9.05 -3.62 -5.61
N LEU B 248 10.36 -3.37 -5.72
CA LEU B 248 11.04 -3.91 -6.88
C LEU B 248 11.13 -5.40 -6.82
N THR B 249 11.31 -5.92 -5.63
CA THR B 249 11.39 -7.34 -5.44
C THR B 249 10.05 -8.05 -5.59
N VAL B 250 8.94 -7.30 -5.67
CA VAL B 250 7.63 -7.87 -5.83
C VAL B 250 7.06 -7.47 -7.15
N THR B 251 6.73 -6.18 -7.24
CA THR B 251 6.22 -5.61 -8.54
C THR B 251 7.10 -5.94 -9.72
N PHE B 252 8.43 -5.86 -9.50
CA PHE B 252 9.41 -6.21 -10.56
C PHE B 252 10.10 -7.51 -10.33
N ALA B 253 9.41 -8.46 -9.68
CA ALA B 253 9.96 -9.79 -9.53
C ALA B 253 10.41 -10.42 -10.87
N ALA B 254 9.64 -10.24 -11.93
CA ALA B 254 10.08 -10.81 -13.14
C ALA B 254 11.42 -10.34 -13.65
N GLU B 255 11.70 -9.12 -13.37
CA GLU B 255 12.98 -8.52 -13.80
C GLU B 255 14.16 -9.10 -12.98
N VAL B 256 13.92 -9.22 -11.68
CA VAL B 256 14.90 -9.89 -10.81
C VAL B 256 15.09 -11.29 -11.21
N ALA B 257 14.02 -12.04 -11.43
CA ALA B 257 14.14 -13.40 -11.69
C ALA B 257 14.86 -13.73 -13.02
N ARG B 258 14.54 -12.92 -14.04
CA ARG B 258 15.09 -13.12 -15.37
C ARG B 258 16.53 -12.56 -15.46
N GLY B 259 17.04 -11.94 -14.43
CA GLY B 259 18.34 -11.33 -14.49
C GLY B 259 18.36 -10.00 -15.26
N HIS B 260 17.18 -9.42 -15.51
CA HIS B 260 17.16 -8.10 -16.06
C HIS B 260 17.62 -7.09 -14.98
N LEU B 261 17.37 -7.35 -13.72
CA LEU B 261 17.84 -6.63 -12.62
C LEU B 261 18.56 -7.60 -11.70
N VAL B 262 19.76 -7.27 -11.26
CA VAL B 262 20.49 -8.09 -10.35
C VAL B 262 20.87 -7.25 -9.14
N CYS B 263 20.61 -7.75 -7.94
CA CYS B 263 20.87 -7.07 -6.71
C CYS B 263 22.41 -7.16 -6.47
N LEU B 264 23.06 -6.04 -6.42
CA LEU B 264 24.53 -6.02 -6.22
C LEU B 264 25.00 -5.79 -4.82
N GLY B 265 24.14 -5.33 -3.98
CA GLY B 265 24.44 -5.14 -2.53
C GLY B 265 24.24 -3.67 -2.20
N GLU B 266 24.72 -3.29 -1.03
CA GLU B 266 24.60 -1.91 -0.54
C GLU B 266 25.81 -1.16 -0.89
N GLY B 267 25.70 0.12 -1.23
CA GLY B 267 26.90 0.93 -1.36
C GLY B 267 27.39 1.31 0.06
N ASP B 268 28.64 1.65 0.17
CA ASP B 268 29.29 1.85 1.44
C ASP B 268 28.87 3.20 2.11
N ASP B 269 28.68 4.25 1.32
CA ASP B 269 28.55 5.55 1.82
C ASP B 269 27.22 5.76 2.53
N GLU B 270 27.23 6.54 3.59
CA GLU B 270 25.99 6.82 4.34
C GLU B 270 25.38 8.08 3.75
N TYR B 271 24.13 7.99 3.44
CA TYR B 271 23.37 9.10 2.94
C TYR B 271 22.33 9.58 3.95
N LEU B 272 21.91 10.85 3.76
CA LEU B 272 20.80 11.41 4.62
C LEU B 272 19.70 11.79 3.66
N ALA B 273 18.48 11.38 3.94
CA ALA B 273 17.33 11.84 3.18
C ALA B 273 17.19 13.34 3.44
N GLN B 274 16.94 14.07 2.35
CA GLN B 274 16.71 15.50 2.38
C GLN B 274 15.20 15.69 2.58
N GLN B 275 14.80 16.95 2.62
CA GLN B 275 13.38 17.23 2.77
C GLN B 275 12.49 16.52 1.78
N SER B 276 12.94 16.38 0.55
CA SER B 276 12.06 15.71 -0.44
C SER B 276 12.01 14.18 -0.27
N ILE B 277 12.61 13.65 0.77
CA ILE B 277 12.48 12.27 1.26
C ILE B 277 13.30 11.28 0.41
N ARG B 278 13.14 11.33 -0.91
CA ARG B 278 13.87 10.36 -1.72
C ARG B 278 15.10 10.92 -2.44
N THR B 279 15.50 12.13 -2.07
CA THR B 279 16.74 12.72 -2.56
C THR B 279 17.69 12.53 -1.36
N PHE B 280 18.87 12.03 -1.62
CA PHE B 280 19.86 11.68 -0.61
C PHE B 280 21.12 12.49 -0.79
N PHE B 281 21.56 13.10 0.32
CA PHE B 281 22.86 13.78 0.41
C PHE B 281 23.90 12.80 0.96
N ASN B 282 25.08 12.84 0.41
CA ASN B 282 26.11 11.88 0.77
C ASN B 282 26.83 12.41 2.03
N ALA B 283 26.49 11.89 3.18
CA ALA B 283 27.06 12.35 4.43
C ALA B 283 28.49 11.87 4.58
N SER B 284 28.81 10.71 4.06
CA SER B 284 30.21 10.21 4.14
C SER B 284 31.15 11.06 3.33
N HIS B 285 30.66 11.57 2.18
CA HIS B 285 31.49 12.31 1.24
C HIS B 285 30.63 13.45 0.71
N PRO B 286 30.56 14.53 1.48
CA PRO B 286 29.60 15.55 1.14
C PRO B 286 29.70 16.19 -0.24
N GLY B 287 30.88 16.08 -0.84
CA GLY B 287 31.14 16.54 -2.14
C GLY B 287 30.73 15.68 -3.33
N LYS B 288 30.36 14.45 -3.04
CA LYS B 288 29.77 13.58 -4.04
C LYS B 288 28.34 13.99 -4.37
N HIS B 289 27.78 13.39 -5.40
CA HIS B 289 26.46 13.78 -5.88
C HIS B 289 25.39 13.40 -4.86
N TYR B 290 24.31 14.17 -4.86
CA TYR B 290 23.07 13.68 -4.36
C TYR B 290 22.59 12.59 -5.25
N VAL B 291 21.84 11.67 -4.67
CA VAL B 291 21.15 10.62 -5.47
C VAL B 291 19.66 10.81 -5.27
N LYS B 292 18.92 11.03 -6.35
CA LYS B 292 17.43 11.14 -6.30
C LYS B 292 16.90 9.79 -6.79
N THR B 293 16.09 9.15 -5.95
CA THR B 293 15.58 7.84 -6.18
C THR B 293 14.09 7.79 -6.36
N ALA B 294 13.62 6.70 -6.98
CA ALA B 294 12.17 6.46 -7.08
C ALA B 294 11.65 5.89 -5.80
N LEU B 295 10.57 6.43 -5.24
CA LEU B 295 10.04 5.95 -3.98
C LEU B 295 8.50 6.00 -4.11
N SER B 296 7.90 4.82 -4.13
CA SER B 296 6.47 4.74 -4.34
C SER B 296 5.70 4.93 -2.99
N VAL B 297 5.96 6.00 -2.31
CA VAL B 297 5.16 6.37 -1.17
CA VAL B 297 5.29 6.44 -1.11
C VAL B 297 4.36 7.64 -1.50
N LEU B 298 3.22 7.82 -0.81
CA LEU B 298 2.31 8.95 -1.08
C LEU B 298 2.69 10.13 -0.10
N ASN B 299 2.86 11.30 -0.63
CA ASN B 299 3.06 12.47 0.19
C ASN B 299 2.52 13.72 -0.54
N MET B 300 1.72 14.52 0.15
CA MET B 300 1.22 15.78 -0.49
C MET B 300 0.70 15.67 -1.94
N GLY B 301 -0.20 14.67 -2.09
CA GLY B 301 -0.95 14.52 -3.31
C GLY B 301 -0.28 13.77 -4.43
N PHE B 302 0.94 13.25 -4.21
CA PHE B 302 1.65 12.57 -5.28
C PHE B 302 2.43 11.37 -4.71
N MET B 303 2.56 10.34 -5.51
CA MET B 303 3.58 9.30 -5.27
C MET B 303 4.94 9.90 -5.59
N GLN B 304 5.99 9.46 -4.89
CA GLN B 304 7.31 10.04 -5.00
C GLN B 304 8.22 9.23 -5.97
N GLY B 305 7.54 8.80 -7.08
CA GLY B 305 8.16 8.01 -8.12
C GLY B 305 9.09 8.91 -8.92
N LEU B 306 9.81 8.27 -9.85
CA LEU B 306 10.69 9.06 -10.74
C LEU B 306 10.56 8.47 -12.14
N SER B 307 10.16 9.24 -13.10
CA SER B 307 9.92 8.82 -14.40
C SER B 307 11.15 8.46 -15.19
N ALA B 308 11.19 7.21 -15.62
CA ALA B 308 12.28 6.71 -16.43
C ALA B 308 12.31 7.48 -17.75
N ALA B 309 11.14 7.82 -18.30
CA ALA B 309 11.12 8.38 -19.69
C ALA B 309 11.69 9.81 -19.66
N TYR B 310 11.42 10.49 -18.59
CA TYR B 310 11.88 11.84 -18.43
C TYR B 310 13.41 11.92 -18.21
N MET B 311 14.06 10.83 -17.76
CA MET B 311 15.46 10.88 -17.48
C MET B 311 16.32 11.21 -18.70
N GLU B 312 15.92 10.77 -19.87
CA GLU B 312 16.67 10.95 -21.05
C GLU B 312 16.96 12.42 -21.31
N ALA B 313 16.07 13.31 -20.98
CA ALA B 313 16.21 14.74 -21.30
C ALA B 313 16.79 15.49 -20.08
N THR B 314 16.87 14.84 -18.93
CA THR B 314 17.13 15.50 -17.73
C THR B 314 18.48 16.26 -17.70
N PRO B 315 19.62 15.58 -17.97
CA PRO B 315 20.85 16.33 -17.97
C PRO B 315 20.97 17.41 -18.96
N ALA B 316 20.43 17.21 -20.14
CA ALA B 316 20.42 18.21 -21.22
C ALA B 316 19.63 19.47 -20.79
N ILE B 317 18.48 19.31 -20.15
CA ILE B 317 17.81 20.44 -19.66
C ILE B 317 18.60 21.25 -18.64
N ASN B 318 19.31 20.56 -17.76
CA ASN B 318 20.13 21.21 -16.75
C ASN B 318 21.30 21.87 -17.41
N ASP B 319 21.92 21.22 -18.43
CA ASP B 319 23.00 21.87 -19.15
C ASP B 319 22.55 23.17 -19.85
N TRP B 320 21.39 23.12 -20.49
CA TRP B 320 20.83 24.25 -21.16
C TRP B 320 20.66 25.42 -20.14
N LEU B 321 20.12 25.09 -18.98
CA LEU B 321 19.81 26.11 -18.07
C LEU B 321 21.13 26.69 -17.45
N ALA B 322 22.06 25.82 -17.11
CA ALA B 322 23.29 26.25 -16.56
C ALA B 322 24.03 27.19 -17.53
N ARG B 323 23.96 26.90 -18.84
CA ARG B 323 24.62 27.66 -19.78
C ARG B 323 23.94 29.04 -19.95
N LEU B 324 22.61 29.01 -19.87
CA LEU B 324 21.82 30.23 -19.97
C LEU B 324 22.13 31.18 -18.81
N ILE B 325 22.27 30.61 -17.62
CA ILE B 325 22.55 31.39 -16.42
C ILE B 325 23.91 32.02 -16.55
N GLU B 326 24.86 31.20 -16.96
CA GLU B 326 26.25 31.64 -17.14
C GLU B 326 26.32 32.79 -18.14
N GLY B 327 25.50 32.79 -19.16
CA GLY B 327 25.57 33.79 -20.17
C GLY B 327 24.90 35.11 -19.89
N ASP B 328 24.06 35.16 -18.82
CA ASP B 328 23.12 36.29 -18.64
C ASP B 328 23.74 37.27 -17.59
N PRO B 329 24.08 38.47 -17.99
CA PRO B 329 24.68 39.41 -17.04
C PRO B 329 23.87 39.73 -15.80
N VAL B 330 22.54 39.76 -15.89
CA VAL B 330 21.75 39.99 -14.68
C VAL B 330 21.89 38.83 -13.73
N LEU B 331 21.75 37.60 -14.28
CA LEU B 331 21.88 36.45 -13.45
C LEU B 331 23.26 36.32 -12.87
N LYS B 332 24.27 36.68 -13.66
CA LYS B 332 25.65 36.69 -13.13
C LYS B 332 25.76 37.58 -11.87
N GLU B 333 25.20 38.75 -11.99
CA GLU B 333 25.30 39.73 -10.92
C GLU B 333 24.63 39.20 -9.60
N THR B 334 23.54 38.44 -9.78
CA THR B 334 22.88 37.89 -8.62
C THR B 334 23.63 36.76 -7.96
N GLY B 335 24.51 36.11 -8.70
CA GLY B 335 25.33 35.02 -8.24
C GLY B 335 24.60 33.67 -8.36
N LEU B 336 23.44 33.63 -9.02
CA LEU B 336 22.65 32.42 -9.16
C LEU B 336 23.44 31.30 -9.78
N SER B 337 23.14 30.11 -9.33
CA SER B 337 23.62 28.91 -9.94
C SER B 337 22.60 27.84 -9.67
N ILE B 338 22.74 26.80 -10.46
CA ILE B 338 22.09 25.55 -10.12
C ILE B 338 23.06 24.48 -9.72
N ILE B 339 22.57 23.49 -8.96
CA ILE B 339 23.25 22.27 -8.83
C ILE B 339 22.63 21.36 -9.89
N ARG B 340 23.43 21.02 -10.89
CA ARG B 340 22.92 20.30 -12.05
C ARG B 340 22.61 18.85 -11.72
N GLU B 341 21.53 18.41 -12.33
CA GLU B 341 21.26 16.96 -12.48
C GLU B 341 22.17 16.55 -13.62
N ARG B 342 23.19 15.84 -13.29
CA ARG B 342 24.28 15.61 -14.17
C ARG B 342 24.23 14.31 -14.97
N ALA B 343 23.54 13.33 -14.39
CA ALA B 343 23.44 12.04 -14.98
C ALA B 343 22.12 11.46 -14.50
N ALA B 344 21.64 10.52 -15.29
CA ALA B 344 20.34 9.86 -14.93
C ALA B 344 20.27 8.52 -15.53
N VAL B 345 19.53 7.61 -14.92
CA VAL B 345 19.39 6.29 -15.41
C VAL B 345 17.83 6.00 -15.27
N GLY B 346 17.28 5.49 -16.39
CA GLY B 346 15.93 4.99 -16.36
C GLY B 346 15.84 3.56 -16.74
N TYR B 347 14.85 2.87 -16.13
CA TYR B 347 14.58 1.49 -16.44
C TYR B 347 13.18 1.43 -17.03
N ARG B 348 13.03 0.83 -18.13
CA ARG B 348 11.72 0.58 -18.76
C ARG B 348 11.23 -0.82 -18.62
N HIS B 349 10.26 -1.04 -17.76
CA HIS B 349 9.65 -2.29 -17.56
C HIS B 349 8.69 -2.44 -18.75
N LEU B 350 9.14 -3.23 -19.70
CA LEU B 350 8.51 -3.29 -20.98
C LEU B 350 7.07 -3.79 -20.89
N GLU B 351 6.83 -4.74 -19.99
CA GLU B 351 5.46 -5.30 -19.85
C GLU B 351 4.51 -4.33 -19.15
N TYR B 352 5.00 -3.64 -18.11
CA TYR B 352 4.20 -2.58 -17.47
C TYR B 352 3.96 -1.42 -18.45
N GLU B 353 4.96 -1.12 -19.27
CA GLU B 353 4.78 -0.16 -20.33
C GLU B 353 3.63 -0.49 -21.24
N GLN B 354 3.60 -1.72 -21.76
CA GLN B 354 2.57 -2.13 -22.63
C GLN B 354 1.20 -2.15 -21.94
N ALA B 355 1.17 -2.25 -20.61
CA ALA B 355 -0.03 -2.43 -19.85
C ALA B 355 -0.61 -1.15 -19.32
N THR B 356 0.03 -0.03 -19.61
CA THR B 356 -0.27 1.22 -18.96
C THR B 356 -0.18 2.38 -19.99
N ASP B 357 -0.65 3.51 -19.60
CA ASP B 357 -0.32 4.71 -20.36
C ASP B 357 0.83 5.49 -19.80
N ARG B 358 1.24 6.52 -20.55
CA ARG B 358 2.43 7.28 -20.15
C ARG B 358 2.39 7.88 -18.77
N TYR B 359 1.23 8.08 -18.25
CA TYR B 359 1.10 8.73 -16.97
C TYR B 359 1.11 7.80 -15.76
N SER B 360 1.17 6.51 -15.95
CA SER B 360 1.02 5.57 -14.86
C SER B 360 2.20 5.61 -13.89
N PRO B 361 1.88 5.47 -12.62
CA PRO B 361 2.95 5.31 -11.66
C PRO B 361 3.75 4.04 -11.84
N TYR B 362 3.22 3.06 -12.57
CA TYR B 362 4.00 1.87 -12.82
C TYR B 362 5.18 2.17 -13.75
N ARG B 363 5.23 3.32 -14.33
CA ARG B 363 6.39 3.72 -15.16
C ARG B 363 7.36 4.56 -14.41
N LYS B 364 7.16 4.77 -13.12
CA LYS B 364 7.94 5.67 -12.35
C LYS B 364 8.54 4.94 -11.19
N MET B 365 8.67 3.63 -11.28
CA MET B 365 9.10 2.90 -10.13
C MET B 365 10.62 2.66 -10.09
N LEU B 366 11.33 2.87 -11.17
CA LEU B 366 12.73 2.61 -11.19
C LEU B 366 13.50 3.54 -12.17
N ALA B 367 14.10 4.53 -11.57
CA ALA B 367 14.93 5.48 -12.23
C ALA B 367 15.69 6.18 -11.10
N ALA B 368 16.75 6.90 -11.47
CA ALA B 368 17.53 7.66 -10.52
C ALA B 368 18.23 8.74 -11.25
N LEU B 369 18.54 9.83 -10.52
CA LEU B 369 19.43 10.81 -11.09
C LEU B 369 20.44 11.20 -10.05
N TRP B 370 21.51 11.78 -10.53
CA TRP B 370 22.58 12.31 -9.68
C TRP B 370 22.65 13.79 -9.87
N ARG B 371 22.68 14.51 -8.76
CA ARG B 371 22.69 15.98 -8.77
C ARG B 371 23.92 16.41 -8.03
N GLU B 372 24.59 17.38 -8.61
CA GLU B 372 25.83 17.80 -7.95
C GLU B 372 25.61 18.44 -6.58
N SER B 373 26.56 18.19 -5.69
CA SER B 373 26.56 18.75 -4.40
C SER B 373 26.94 20.25 -4.50
N PRO B 374 26.37 21.11 -3.65
CA PRO B 374 26.87 22.48 -3.58
C PRO B 374 28.11 22.61 -2.75
N VAL B 375 28.46 21.60 -1.99
CA VAL B 375 29.56 21.70 -1.01
C VAL B 375 30.94 22.10 -1.60
N PRO B 376 31.28 21.53 -2.74
CA PRO B 376 32.62 21.90 -3.28
C PRO B 376 32.65 23.33 -3.72
N SER B 377 31.50 23.97 -4.03
CA SER B 377 31.49 25.32 -4.58
C SER B 377 31.71 26.35 -3.52
N ILE B 378 31.58 26.03 -2.24
CA ILE B 378 31.62 27.08 -1.29
C ILE B 378 33.08 27.38 -0.83
N ARG B 379 33.26 28.57 -0.31
CA ARG B 379 34.57 28.90 0.29
C ARG B 379 34.56 28.74 1.78
N GLU B 380 35.71 28.57 2.38
CA GLU B 380 35.79 28.68 3.82
C GLU B 380 35.19 30.09 4.25
N GLY B 381 34.42 30.13 5.31
CA GLY B 381 33.69 31.29 5.72
C GLY B 381 32.19 31.05 5.38
N GLU B 382 31.93 30.16 4.41
CA GLU B 382 30.53 30.06 3.87
C GLU B 382 29.91 28.81 4.45
N THR B 383 28.61 28.87 4.60
CA THR B 383 27.82 27.73 5.05
C THR B 383 26.59 27.60 4.18
N LEU B 384 25.93 26.48 4.29
CA LEU B 384 24.76 26.21 3.42
C LEU B 384 23.52 25.97 4.29
N ALA B 385 22.38 26.39 3.80
CA ALA B 385 21.12 26.16 4.43
C ALA B 385 20.01 26.13 3.43
N THR B 386 19.16 25.11 3.53
CA THR B 386 17.92 25.15 2.73
C THR B 386 17.22 26.47 2.92
N MET B 387 16.56 26.96 1.86
CA MET B 387 15.79 28.19 2.03
C MET B 387 14.59 27.91 2.91
N ALA B 388 14.15 26.69 3.03
CA ALA B 388 13.06 26.39 3.93
C ALA B 388 13.32 26.83 5.34
N SER B 389 14.60 26.89 5.65
CA SER B 389 14.96 27.41 6.97
C SER B 389 14.49 28.84 7.27
N LEU B 390 14.34 29.66 6.25
CA LEU B 390 13.94 31.06 6.49
C LEU B 390 12.54 31.15 7.08
N VAL B 391 11.70 30.14 6.85
CA VAL B 391 10.36 30.14 7.45
C VAL B 391 10.30 29.20 8.63
N HIS B 392 11.41 28.69 9.10
CA HIS B 392 11.42 27.84 10.28
C HIS B 392 11.32 28.68 11.54
N GLN B 393 10.52 28.21 12.43
CA GLN B 393 10.47 28.71 13.79
C GLN B 393 10.81 27.63 14.76
N ASP B 394 11.65 27.90 15.71
CA ASP B 394 11.99 26.92 16.70
C ASP B 394 10.85 26.74 17.72
N HIS B 395 11.18 25.94 18.72
CA HIS B 395 10.20 25.58 19.78
C HIS B 395 9.70 26.75 20.59
N GLU B 396 10.45 27.85 20.63
CA GLU B 396 9.99 29.05 21.25
C GLU B 396 9.36 30.05 20.30
N GLY B 397 9.26 29.73 19.04
CA GLY B 397 8.64 30.66 18.10
C GLY B 397 9.68 31.58 17.41
N ALA B 398 11.00 31.37 17.65
CA ALA B 398 12.01 32.27 17.09
C ALA B 398 12.33 31.86 15.65
N SER B 399 12.23 32.82 14.78
CA SER B 399 12.51 32.69 13.37
C SER B 399 14.00 32.39 13.12
N PHE B 400 14.30 31.43 12.29
CA PHE B 400 15.66 31.14 11.85
C PHE B 400 16.15 32.32 10.97
N ALA B 401 15.30 32.88 10.13
CA ALA B 401 15.72 34.07 9.43
C ALA B 401 16.11 35.20 10.39
N GLY B 402 15.33 35.34 11.48
CA GLY B 402 15.65 36.22 12.55
C GLY B 402 17.01 35.98 13.11
N ALA B 403 17.31 34.78 13.32
CA ALA B 403 18.63 34.42 13.88
C ALA B 403 19.79 34.73 12.91
N LEU B 404 19.54 34.55 11.60
CA LEU B 404 20.50 34.97 10.62
C LEU B 404 20.71 36.47 10.56
N ILE B 405 19.61 37.21 10.69
CA ILE B 405 19.63 38.64 10.71
C ILE B 405 20.51 39.06 11.86
N GLU B 406 20.24 38.51 13.01
CA GLU B 406 20.98 38.87 14.22
C GLU B 406 22.46 38.60 14.06
N ARG B 407 22.80 37.46 13.51
CA ARG B 407 24.21 37.06 13.40
C ARG B 407 24.90 37.94 12.38
N SER B 408 24.19 38.39 11.33
CA SER B 408 24.75 39.21 10.32
C SER B 408 25.20 40.58 10.76
N GLY B 409 24.57 41.15 11.81
CA GLY B 409 24.83 42.49 12.22
C GLY B 409 24.18 43.52 11.29
N LEU B 410 23.46 43.09 10.25
CA LEU B 410 22.80 44.03 9.35
C LEU B 410 21.42 44.40 9.86
N THR B 411 20.87 45.46 9.37
CA THR B 411 19.48 45.75 9.63
C THR B 411 18.60 44.67 8.93
N PRO B 412 17.39 44.49 9.41
CA PRO B 412 16.58 43.47 8.75
C PRO B 412 16.40 43.78 7.27
N THR B 413 16.16 45.03 6.95
CA THR B 413 15.94 45.33 5.52
C THR B 413 17.22 45.21 4.66
N GLU B 414 18.38 45.47 5.24
CA GLU B 414 19.62 45.24 4.49
C GLU B 414 19.81 43.73 4.29
N TRP B 415 19.50 42.95 5.32
CA TRP B 415 19.63 41.49 5.24
C TRP B 415 18.68 41.00 4.15
N LEU B 416 17.46 41.53 4.19
CA LEU B 416 16.47 41.09 3.19
C LEU B 416 16.89 41.43 1.77
N ARG B 417 17.52 42.60 1.59
CA ARG B 417 17.92 43.00 0.31
C ARG B 417 18.91 41.97 -0.31
N HIS B 418 19.87 41.49 0.48
CA HIS B 418 20.78 40.55 -0.02
C HIS B 418 20.08 39.27 -0.42
N TYR B 419 19.18 38.78 0.44
CA TYR B 419 18.44 37.58 0.13
C TYR B 419 17.62 37.73 -1.13
N LEU B 420 16.93 38.82 -1.25
CA LEU B 420 16.05 39.10 -2.39
C LEU B 420 16.82 39.25 -3.66
N ARG B 421 17.97 39.85 -3.61
CA ARG B 421 18.82 39.92 -4.84
C ARG B 421 19.31 38.55 -5.23
N ALA B 422 19.63 37.70 -4.29
CA ALA B 422 20.14 36.42 -4.62
C ALA B 422 19.08 35.43 -5.11
N TYR B 423 17.87 35.45 -4.46
CA TYR B 423 16.90 34.44 -4.64
C TYR B 423 15.79 34.93 -5.62
N TYR B 424 15.34 36.17 -5.39
CA TYR B 424 14.13 36.76 -6.02
C TYR B 424 14.38 37.36 -7.36
N VAL B 425 15.38 38.21 -7.46
CA VAL B 425 15.64 38.83 -8.74
C VAL B 425 15.87 37.82 -9.89
N PRO B 426 16.58 36.76 -9.65
CA PRO B 426 16.68 35.78 -10.74
C PRO B 426 15.32 35.26 -11.25
N LEU B 427 14.33 35.15 -10.34
CA LEU B 427 12.99 34.72 -10.74
C LEU B 427 12.32 35.73 -11.57
N LEU B 428 12.44 36.99 -11.21
CA LEU B 428 11.93 38.06 -12.03
C LEU B 428 12.55 38.02 -13.38
N HIS B 429 13.87 37.96 -13.42
CA HIS B 429 14.57 38.10 -14.70
C HIS B 429 14.34 36.86 -15.55
N SER B 430 14.28 35.70 -14.94
CA SER B 430 14.01 34.47 -15.68
C SER B 430 12.65 34.61 -16.38
N PHE B 431 11.69 35.12 -15.60
CA PHE B 431 10.39 35.32 -16.18
C PHE B 431 10.38 36.34 -17.34
N TYR B 432 10.89 37.54 -17.09
CA TYR B 432 10.80 38.58 -18.07
C TYR B 432 11.70 38.41 -19.27
N ALA B 433 12.90 37.86 -19.08
CA ALA B 433 13.86 37.76 -20.15
C ALA B 433 13.66 36.44 -20.93
N TYR B 434 13.22 35.42 -20.31
CA TYR B 434 13.21 34.10 -20.96
C TYR B 434 11.86 33.35 -20.89
N ASP B 435 10.86 33.93 -20.22
CA ASP B 435 9.61 33.22 -19.95
C ASP B 435 9.81 31.97 -19.15
N LEU B 436 10.85 31.98 -18.32
CA LEU B 436 11.31 30.83 -17.64
C LEU B 436 10.91 30.89 -16.17
N VAL B 437 10.29 29.83 -15.72
CA VAL B 437 9.94 29.67 -14.32
C VAL B 437 10.40 28.37 -13.77
N TYR B 438 10.47 28.36 -12.45
CA TYR B 438 10.99 27.21 -11.72
C TYR B 438 9.91 26.68 -10.74
N MET B 439 10.29 25.96 -9.69
CA MET B 439 9.41 25.71 -8.54
C MET B 439 10.20 26.17 -7.32
N PRO B 440 10.27 27.46 -7.13
CA PRO B 440 11.33 28.03 -6.24
C PRO B 440 10.93 28.13 -4.76
N HIS B 441 10.39 27.06 -4.24
CA HIS B 441 10.02 26.98 -2.87
C HIS B 441 11.15 26.56 -2.00
N GLY B 442 10.86 26.52 -0.70
CA GLY B 442 11.88 26.26 0.30
C GLY B 442 12.88 25.19 0.00
N GLU B 443 12.36 24.01 -0.35
CA GLU B 443 13.28 22.93 -0.51
C GLU B 443 14.01 22.93 -1.83
N ASN B 444 13.59 23.75 -2.78
CA ASN B 444 14.28 23.76 -4.04
C ASN B 444 15.30 24.91 -4.17
N VAL B 445 15.65 25.56 -3.06
CA VAL B 445 16.69 26.58 -3.08
C VAL B 445 17.59 26.31 -1.91
N ILE B 446 18.88 26.39 -2.14
CA ILE B 446 19.86 26.31 -1.06
C ILE B 446 20.51 27.63 -0.96
N LEU B 447 20.62 28.15 0.23
CA LEU B 447 21.30 29.45 0.43
C LEU B 447 22.76 29.21 0.80
N VAL B 448 23.62 30.05 0.24
CA VAL B 448 25.02 30.13 0.60
C VAL B 448 25.15 31.33 1.51
N LEU B 449 25.58 31.04 2.73
CA LEU B 449 25.56 32.07 3.77
C LEU B 449 26.96 32.41 4.20
N ALA B 450 27.17 33.70 4.45
CA ALA B 450 28.47 34.13 5.04
C ALA B 450 28.19 35.09 6.17
N ASP B 451 28.49 34.63 7.40
CA ASP B 451 28.25 35.45 8.63
C ASP B 451 26.74 35.88 8.70
N GLY B 452 25.89 34.97 8.39
CA GLY B 452 24.46 35.10 8.41
C GLY B 452 23.83 35.77 7.18
N VAL B 453 24.65 36.29 6.26
CA VAL B 453 24.12 36.96 5.10
C VAL B 453 24.01 36.05 3.88
N VAL B 454 22.89 36.17 3.14
CA VAL B 454 22.77 35.38 1.92
C VAL B 454 23.67 35.96 0.84
N ARG B 455 24.75 35.24 0.48
CA ARG B 455 25.59 35.66 -0.52
C ARG B 455 25.16 35.27 -1.92
N ARG B 456 24.56 34.11 -2.06
CA ARG B 456 24.00 33.67 -3.32
C ARG B 456 23.04 32.51 -3.09
N ALA B 457 22.20 32.20 -4.07
CA ALA B 457 21.25 31.15 -3.94
C ALA B 457 21.52 30.09 -5.03
N VAL B 458 21.25 28.84 -4.71
CA VAL B 458 21.44 27.76 -5.66
C VAL B 458 20.10 27.10 -5.86
N TYR B 459 19.65 26.93 -7.07
CA TYR B 459 18.43 26.25 -7.35
C TYR B 459 18.66 24.78 -7.65
N LYS B 460 17.67 23.96 -7.28
CA LYS B 460 17.70 22.52 -7.63
C LYS B 460 16.31 22.09 -8.00
N ASP B 461 16.26 20.81 -8.47
CA ASP B 461 14.98 20.19 -8.97
C ASP B 461 14.52 20.91 -10.28
N ILE B 462 15.38 20.77 -11.30
CA ILE B 462 15.25 21.55 -12.48
C ILE B 462 14.44 20.88 -13.55
N ALA B 463 14.93 19.72 -14.03
CA ALA B 463 14.33 19.09 -15.23
C ALA B 463 12.84 18.82 -15.04
N GLU B 464 12.45 18.50 -13.80
CA GLU B 464 11.04 18.14 -13.66
C GLU B 464 10.16 19.35 -13.29
N GLU B 465 10.74 20.51 -13.06
CA GLU B 465 10.00 21.66 -12.60
C GLU B 465 10.03 22.84 -13.56
N ILE B 466 11.10 23.06 -14.31
CA ILE B 466 11.17 24.30 -15.08
C ILE B 466 10.21 24.32 -16.25
N ALA B 467 9.84 25.48 -16.65
CA ALA B 467 8.94 25.63 -17.76
C ALA B 467 9.33 26.93 -18.48
N VAL B 468 9.18 26.91 -19.78
CA VAL B 468 9.29 28.05 -20.61
C VAL B 468 7.89 28.42 -21.15
N MET B 469 7.36 29.52 -20.74
CA MET B 469 6.01 29.87 -21.04
C MET B 469 5.86 30.57 -22.35
N ASP B 470 6.13 29.79 -23.37
CA ASP B 470 6.09 30.29 -24.74
C ASP B 470 6.04 29.02 -25.57
N PRO B 471 4.83 28.67 -26.05
CA PRO B 471 4.76 27.45 -26.83
C PRO B 471 5.63 27.48 -28.08
N ASP B 472 6.03 28.66 -28.57
CA ASP B 472 6.90 28.75 -29.79
C ASP B 472 8.36 28.97 -29.49
N ALA B 473 8.73 28.82 -28.23
CA ALA B 473 10.10 28.97 -27.82
C ALA B 473 11.02 28.19 -28.72
N VAL B 474 12.11 28.80 -29.09
CA VAL B 474 13.17 28.09 -29.81
C VAL B 474 14.16 27.47 -28.87
N LEU B 475 14.20 26.15 -28.80
CA LEU B 475 14.99 25.46 -27.84
C LEU B 475 15.69 24.30 -28.44
N PRO B 476 16.82 23.88 -27.87
CA PRO B 476 17.45 22.64 -28.38
C PRO B 476 16.45 21.50 -28.36
N PRO B 477 16.33 20.68 -29.43
CA PRO B 477 15.35 19.57 -29.40
C PRO B 477 15.19 18.75 -28.13
N GLU B 478 16.27 18.42 -27.49
CA GLU B 478 16.25 17.65 -26.26
C GLU B 478 15.60 18.39 -25.04
N VAL B 479 15.57 19.72 -25.10
CA VAL B 479 14.92 20.50 -24.04
C VAL B 479 13.57 21.12 -24.41
N SER B 480 13.08 20.92 -25.63
CA SER B 480 11.88 21.62 -26.06
C SER B 480 10.61 21.16 -25.33
N ARG B 481 10.67 20.03 -24.63
CA ARG B 481 9.51 19.58 -23.86
C ARG B 481 9.20 20.53 -22.72
N ILE B 482 10.14 21.37 -22.33
CA ILE B 482 9.81 22.34 -21.24
C ILE B 482 8.97 23.54 -21.68
N ALA B 483 8.77 23.74 -22.98
CA ALA B 483 7.93 24.81 -23.47
C ALA B 483 6.45 24.49 -23.19
N VAL B 484 5.73 25.43 -22.61
CA VAL B 484 4.30 25.18 -22.22
C VAL B 484 3.45 26.34 -22.69
N ASP B 485 2.14 26.13 -22.71
CA ASP B 485 1.17 27.13 -23.20
C ASP B 485 0.31 27.50 -21.97
N VAL B 486 0.56 28.67 -21.37
CA VAL B 486 -0.07 29.08 -20.14
C VAL B 486 -0.75 30.35 -20.55
N PRO B 487 -2.02 30.52 -20.16
CA PRO B 487 -2.68 31.75 -20.59
C PRO B 487 -1.88 32.98 -20.03
N ASP B 488 -1.84 34.05 -20.79
CA ASP B 488 -1.09 35.27 -20.33
C ASP B 488 -1.51 35.70 -18.89
N ASP B 489 -2.81 35.68 -18.61
CA ASP B 489 -3.28 36.09 -17.29
C ASP B 489 -2.96 35.17 -16.16
N LYS B 490 -2.28 34.05 -16.38
CA LYS B 490 -1.84 33.22 -15.32
C LYS B 490 -0.31 33.15 -15.20
N LYS B 491 0.39 33.73 -16.16
CA LYS B 491 1.85 33.54 -16.14
C LYS B 491 2.49 34.09 -14.87
N LEU B 492 2.13 35.32 -14.50
CA LEU B 492 2.71 35.95 -13.33
C LEU B 492 2.33 35.29 -12.00
N LEU B 493 1.36 34.36 -12.00
CA LEU B 493 1.11 33.61 -10.79
C LEU B 493 2.29 32.78 -10.39
N SER B 494 3.18 32.49 -11.32
CA SER B 494 4.37 31.82 -10.92
C SER B 494 5.17 32.58 -9.91
N ILE B 495 5.14 33.89 -9.92
CA ILE B 495 5.74 34.62 -8.87
C ILE B 495 4.73 34.89 -7.75
N PHE B 496 3.54 35.40 -8.09
CA PHE B 496 2.63 35.80 -7.05
C PHE B 496 2.23 34.63 -6.13
N THR B 497 1.94 33.48 -6.72
CA THR B 497 1.60 32.29 -5.92
C THR B 497 2.78 31.69 -5.29
N ASP B 498 3.76 31.28 -6.09
CA ASP B 498 4.82 30.42 -5.52
C ASP B 498 5.77 31.18 -4.68
N VAL B 499 6.01 32.44 -4.98
CA VAL B 499 6.93 33.21 -4.15
C VAL B 499 6.16 34.02 -3.09
N PHE B 500 5.20 34.85 -3.51
CA PHE B 500 4.56 35.77 -2.59
C PHE B 500 3.62 34.97 -1.64
N ASP B 501 2.63 34.31 -2.19
CA ASP B 501 1.56 33.74 -1.34
C ASP B 501 2.05 32.47 -0.63
N CYS B 502 3.03 31.73 -1.19
CA CYS B 502 3.37 30.48 -0.66
C CYS B 502 4.71 30.55 0.10
N PHE B 503 5.39 31.69 0.10
CA PHE B 503 6.66 31.69 0.84
C PHE B 503 6.84 33.03 1.61
N PHE B 504 6.78 34.14 0.88
CA PHE B 504 6.98 35.39 1.53
C PHE B 504 5.86 35.69 2.55
N ARG B 505 4.63 35.25 2.24
CA ARG B 505 3.54 35.42 3.18
C ARG B 505 3.97 34.99 4.60
N PHE B 506 4.64 33.87 4.70
CA PHE B 506 5.07 33.30 5.93
C PHE B 506 6.32 33.99 6.51
N LEU B 507 7.26 34.24 5.64
CA LEU B 507 8.47 34.90 6.03
C LEU B 507 8.22 36.30 6.63
N ALA B 508 7.42 37.08 5.94
CA ALA B 508 7.10 38.40 6.37
C ALA B 508 6.26 38.32 7.69
N ALA B 509 5.32 37.39 7.76
CA ALA B 509 4.54 37.23 8.99
C ALA B 509 5.37 36.85 10.17
N ASN B 510 6.32 35.92 9.96
CA ASN B 510 7.17 35.44 11.04
C ASN B 510 8.03 36.56 11.57
N LEU B 511 8.64 37.32 10.67
CA LEU B 511 9.48 38.40 11.06
C LEU B 511 8.74 39.50 11.79
N ALA B 512 7.52 39.81 11.31
CA ALA B 512 6.77 40.86 11.98
C ALA B 512 6.28 40.49 13.34
N GLU B 513 5.75 39.25 13.45
CA GLU B 513 5.18 38.76 14.72
C GLU B 513 6.29 38.77 15.79
N GLU B 514 7.52 38.50 15.40
CA GLU B 514 8.62 38.41 16.37
C GLU B 514 9.16 39.82 16.65
N GLY B 515 8.67 40.85 15.98
CA GLY B 515 9.12 42.20 16.27
C GLY B 515 10.33 42.66 15.51
N ILE B 516 10.76 41.87 14.50
CA ILE B 516 12.03 42.10 13.83
C ILE B 516 11.93 43.15 12.74
N VAL B 517 10.92 43.04 11.90
CA VAL B 517 10.74 44.03 10.88
C VAL B 517 9.27 44.00 10.47
N THR B 518 8.74 45.15 10.22
CA THR B 518 7.33 45.28 9.82
C THR B 518 7.08 44.65 8.43
N GLU B 519 5.81 44.25 8.25
CA GLU B 519 5.39 43.82 6.92
C GLU B 519 5.63 44.96 5.97
N ASP B 520 5.36 46.17 6.40
CA ASP B 520 5.52 47.36 5.53
C ASP B 520 6.90 47.42 4.93
N ALA B 521 7.91 47.23 5.79
CA ALA B 521 9.25 47.36 5.32
C ALA B 521 9.65 46.13 4.57
N PHE B 522 9.15 44.97 4.94
CA PHE B 522 9.43 43.74 4.19
C PHE B 522 9.03 44.03 2.69
N TRP B 523 7.80 44.39 2.51
CA TRP B 523 7.27 44.55 1.20
C TRP B 523 7.82 45.78 0.45
N ARG B 524 8.13 46.81 1.19
CA ARG B 524 8.97 47.88 0.64
C ARG B 524 10.27 47.37 0.05
N THR B 525 10.96 46.50 0.76
CA THR B 525 12.20 45.97 0.33
C THR B 525 11.97 45.10 -1.00
N VAL B 526 10.92 44.30 -0.97
CA VAL B 526 10.59 43.54 -2.17
C VAL B 526 10.34 44.49 -3.34
N ALA B 527 9.58 45.53 -3.09
CA ALA B 527 9.25 46.49 -4.12
C ALA B 527 10.50 47.19 -4.64
N GLU B 528 11.39 47.64 -3.72
CA GLU B 528 12.61 48.37 -4.09
C GLU B 528 13.49 47.43 -4.97
N VAL B 529 13.63 46.16 -4.55
CA VAL B 529 14.44 45.24 -5.30
C VAL B 529 13.83 45.04 -6.70
N THR B 530 12.56 44.99 -6.73
CA THR B 530 11.79 44.82 -8.03
C THR B 530 12.04 45.98 -8.93
N ARG B 531 11.82 47.16 -8.37
CA ARG B 531 12.02 48.38 -9.16
C ARG B 531 13.45 48.51 -9.62
N GLU B 532 14.40 48.19 -8.76
CA GLU B 532 15.78 48.37 -9.13
C GLU B 532 16.16 47.42 -10.26
N TYR B 533 15.65 46.20 -10.18
CA TYR B 533 15.86 45.24 -11.25
C TYR B 533 15.23 45.80 -12.51
N GLN B 534 13.96 46.23 -12.49
CA GLN B 534 13.31 46.64 -13.74
C GLN B 534 14.00 47.88 -14.41
N GLU B 535 14.46 48.78 -13.52
CA GLU B 535 15.21 49.99 -13.98
C GLU B 535 16.54 49.58 -14.67
N SER B 536 17.16 48.53 -14.18
CA SER B 536 18.41 48.00 -14.74
C SER B 536 18.30 47.32 -16.09
N VAL B 537 17.08 47.00 -16.55
CA VAL B 537 16.85 46.29 -17.84
C VAL B 537 15.76 47.04 -18.60
N PRO B 538 16.02 48.27 -19.01
CA PRO B 538 14.95 49.00 -19.68
C PRO B 538 14.53 48.44 -21.02
N GLU B 539 15.33 47.60 -21.64
CA GLU B 539 14.93 46.93 -22.88
C GLU B 539 13.71 45.99 -22.67
N LEU B 540 13.41 45.60 -21.40
CA LEU B 540 12.25 44.79 -21.14
C LEU B 540 11.04 45.56 -20.64
N ALA B 541 11.11 46.91 -20.72
CA ALA B 541 10.03 47.76 -20.16
C ALA B 541 8.62 47.47 -20.66
N ASP B 542 8.50 47.09 -21.91
CA ASP B 542 7.16 46.71 -22.47
C ASP B 542 6.58 45.51 -21.72
N LYS B 543 7.43 44.56 -21.48
CA LYS B 543 7.04 43.36 -20.81
C LYS B 543 6.72 43.63 -19.35
N PHE B 544 7.52 44.47 -18.73
CA PHE B 544 7.28 44.88 -17.32
C PHE B 544 5.88 45.57 -17.19
N GLU B 545 5.48 46.30 -18.22
CA GLU B 545 4.20 46.95 -18.22
C GLU B 545 3.08 45.93 -18.45
N ARG B 546 3.28 45.00 -19.34
CA ARG B 546 2.30 43.98 -19.67
C ARG B 546 2.01 43.06 -18.52
N TYR B 547 3.05 42.60 -17.81
CA TYR B 547 2.94 41.71 -16.70
C TYR B 547 3.41 42.49 -15.48
N ASP B 548 2.44 43.09 -14.83
CA ASP B 548 2.65 44.11 -13.84
C ASP B 548 2.83 43.48 -12.47
N MET B 549 4.10 43.46 -12.00
CA MET B 549 4.38 43.05 -10.66
C MET B 549 3.67 43.88 -9.56
N PHE B 550 3.22 45.07 -9.89
CA PHE B 550 2.65 46.02 -8.96
C PHE B 550 1.12 46.13 -9.19
N ALA B 551 0.52 45.16 -9.84
CA ALA B 551 -0.94 45.19 -10.08
C ALA B 551 -1.68 45.23 -8.75
N PRO B 552 -2.85 45.78 -8.67
CA PRO B 552 -3.51 45.82 -7.40
C PRO B 552 -3.84 44.52 -6.72
N GLU B 553 -4.17 43.50 -7.55
CA GLU B 553 -4.61 42.19 -7.03
C GLU B 553 -4.11 41.09 -7.87
N PHE B 554 -4.10 39.90 -7.36
CA PHE B 554 -3.86 38.73 -8.18
C PHE B 554 -4.68 37.58 -7.61
N ALA B 555 -4.82 36.51 -8.35
CA ALA B 555 -5.70 35.45 -7.89
C ALA B 555 -5.08 34.74 -6.64
N LEU B 556 -6.00 34.41 -5.74
CA LEU B 556 -5.73 33.40 -4.71
C LEU B 556 -5.78 31.99 -5.31
N SER B 557 -4.66 31.31 -5.25
CA SER B 557 -4.54 29.99 -5.69
C SER B 557 -4.37 29.12 -4.49
N CYS B 558 -5.31 28.21 -4.28
CA CYS B 558 -5.41 27.46 -3.04
C CYS B 558 -4.73 26.15 -3.13
N LEU B 559 -3.87 25.84 -2.20
CA LEU B 559 -3.10 24.60 -2.24
C LEU B 559 -3.77 23.45 -1.54
N ASN B 560 -4.21 23.67 -0.30
CA ASN B 560 -4.91 22.59 0.44
C ASN B 560 -6.07 22.13 -0.35
N ARG B 561 -6.82 23.02 -1.03
CA ARG B 561 -7.97 22.62 -1.80
C ARG B 561 -7.65 21.53 -2.83
N LEU B 562 -6.45 21.58 -3.40
CA LEU B 562 -6.06 20.55 -4.34
C LEU B 562 -6.03 19.12 -3.68
N GLN B 563 -5.45 19.06 -2.51
CA GLN B 563 -5.30 17.83 -1.78
C GLN B 563 -6.58 17.34 -1.13
N LEU B 564 -7.42 18.22 -0.65
CA LEU B 564 -8.65 17.86 -0.09
C LEU B 564 -9.57 17.28 -1.19
N ARG B 565 -9.47 17.77 -2.42
CA ARG B 565 -10.26 17.33 -3.55
C ARG B 565 -9.77 15.94 -4.01
N ASP B 566 -8.50 15.65 -3.89
CA ASP B 566 -7.93 14.41 -4.39
C ASP B 566 -6.58 14.30 -3.78
N ASN B 567 -6.50 13.47 -2.75
CA ASN B 567 -5.16 13.36 -2.00
C ASN B 567 -4.19 12.27 -2.54
N ARG B 568 -4.57 11.56 -3.64
CA ARG B 568 -3.75 10.43 -4.27
C ARG B 568 -3.12 10.91 -5.55
N GLN B 569 -3.90 11.54 -6.43
CA GLN B 569 -3.28 12.23 -7.59
C GLN B 569 -4.00 13.53 -7.58
N MET B 570 -3.32 14.42 -6.92
CA MET B 570 -3.85 15.75 -6.68
C MET B 570 -3.90 16.58 -7.96
N VAL B 571 -2.92 16.31 -8.85
CA VAL B 571 -2.93 16.84 -10.21
C VAL B 571 -3.04 15.70 -11.25
N ASP B 572 -4.00 15.81 -12.19
CA ASP B 572 -4.06 14.92 -13.38
C ASP B 572 -2.86 15.31 -14.32
N LEU B 573 -1.84 14.44 -14.44
CA LEU B 573 -0.60 14.80 -15.28
C LEU B 573 -0.96 14.95 -16.78
N ALA B 574 -2.01 14.21 -17.25
CA ALA B 574 -2.67 14.43 -18.63
C ALA B 574 -3.33 15.84 -18.86
N ASP B 575 -3.42 16.67 -17.81
CA ASP B 575 -4.08 17.96 -17.89
C ASP B 575 -3.66 18.72 -16.61
N PRO B 576 -2.33 19.05 -16.46
CA PRO B 576 -1.92 19.56 -15.13
C PRO B 576 -2.60 20.95 -14.68
N SER B 577 -2.97 21.84 -15.63
CA SER B 577 -3.58 23.13 -15.24
C SER B 577 -5.09 22.97 -14.88
N GLY B 578 -5.72 21.82 -15.19
CA GLY B 578 -7.10 21.52 -14.80
C GLY B 578 -7.33 21.36 -13.28
N ALA B 579 -6.23 21.15 -12.49
CA ALA B 579 -6.27 21.07 -11.07
C ALA B 579 -6.37 22.46 -10.33
N LEU B 580 -5.93 23.54 -10.98
CA LEU B 580 -5.67 24.81 -10.27
C LEU B 580 -7.00 25.29 -9.62
N GLN B 581 -6.95 25.82 -8.40
CA GLN B 581 -8.20 26.24 -7.76
C GLN B 581 -8.02 27.70 -7.33
N LEU B 582 -8.54 28.56 -8.18
CA LEU B 582 -8.43 29.96 -7.94
C LEU B 582 -9.71 30.40 -7.30
N VAL B 583 -9.65 31.16 -6.22
CA VAL B 583 -10.85 31.52 -5.48
C VAL B 583 -10.71 32.97 -5.13
N GLY B 584 -11.24 33.82 -5.96
CA GLY B 584 -11.13 35.22 -5.71
C GLY B 584 -9.68 35.75 -5.84
N THR B 585 -9.42 36.89 -5.22
CA THR B 585 -8.13 37.55 -5.33
C THR B 585 -7.58 37.96 -3.99
N LEU B 586 -6.30 38.18 -3.96
CA LEU B 586 -5.64 38.79 -2.82
C LEU B 586 -5.15 40.19 -3.23
N LYS B 587 -5.13 41.06 -2.24
CA LYS B 587 -4.51 42.40 -2.50
C LYS B 587 -2.97 42.21 -2.61
N ASN B 588 -2.37 42.70 -3.63
CA ASN B 588 -0.90 42.53 -3.84
C ASN B 588 -0.18 43.52 -2.91
N PRO B 589 0.74 43.07 -2.12
CA PRO B 589 1.42 44.00 -1.20
C PRO B 589 2.33 44.89 -1.90
N LEU B 590 2.63 44.59 -3.17
CA LEU B 590 3.35 45.53 -4.04
C LEU B 590 2.46 46.61 -4.68
N ALA B 591 1.15 46.55 -4.52
CA ALA B 591 0.26 47.53 -5.10
C ALA B 591 0.63 48.96 -4.61
N GLY B 592 0.68 49.88 -5.51
CA GLY B 592 0.99 51.28 -5.14
C GLY B 592 2.52 51.49 -4.87
N ARG B 593 3.35 50.46 -5.05
CA ARG B 593 4.77 50.59 -4.85
C ARG B 593 5.64 50.58 -6.18
N GLY B 594 4.99 50.73 -7.33
CA GLY B 594 5.68 50.90 -8.57
C GLY B 594 6.22 52.38 -8.64
#